data_6FPZ
#
_entry.id   6FPZ
#
_cell.length_a   159.700
_cell.length_b   159.700
_cell.length_c   65.745
_cell.angle_alpha   90.000
_cell.angle_beta   90.000
_cell.angle_gamma   90.000
#
_symmetry.space_group_name_H-M   'P 42'
#
loop_
_entity.id
_entity.type
_entity.pdbx_description
1 polymer 'Inter-alpha-trypsin inhibitor heavy chain H1'
2 non-polymer GLYCEROL
3 non-polymer 'ACETATE ION'
4 water water
#
_entity_poly.entity_id   1
_entity_poly.type   'polypeptide(L)'
_entity_poly.pdbx_seq_one_letter_code
;MAHHHHHHVGTGSNDDDDDKSPSKSSEKRQAVDTAVDGVFIRSLKVNCKVTSRFAHYVVTSQVVNTANEAREVAFDLEIP
KTAFISDFAVTADGNAFIGDIKDKVTAWKQYRKAAISGENAGLVRASGRTMEQFTIHLTVNPQSKVTFQLTYEEVLKRNH
MQYEIVIKVKPKQLVHHFEIDVDIFEPQGISKLDAQASFLPKELAAQTIKKSFSGKKGHVLFRPTVSQQQSCPTCSTSLL
NGHFKVTYDVSRDKICDLLVANNHFAHFFAPQNLTNMNKNVVFVIAISGSMRGQKVKQTKEALLKILGDMQPGDYFDLVL
FGTRVQSWKGSLVQASEANLQAAQDFVRGFSLDEATNLNGGLLRGIEILNQVQESLPELSNHASILIMLTDGDPTEGVTD
RSQILKNVRNAIRGRFPLYNLGFGHNVDFNFLEVMSMENNGRAQRIYEDHDATQQLQGFYSQVAKPLLVDVDLQYPQDAV
LALTQNHHKQYYEGSEIVVAGRIADNKQSSFKADVQAHGEGQEFSITCLVDEEEMKKLLRERGHMLENHVERLWAYLTIQ
ELLAKRMKVDREERANLSSQALQMSLDYGFVTPLTSMSIRGMADQDGLKPTIDKPSEDSPPLEMLGPRRTFVLSALQPSP
THSSSNTQRLPDRVTGVDTD
;
_entity_poly.pdbx_strand_id   A,B
#
# COMPACT_ATOMS: atom_id res chain seq x y z
N ASP A 33 21.52 -33.04 28.39
CA ASP A 33 21.27 -31.61 28.61
C ASP A 33 20.61 -30.98 27.38
N THR A 34 19.29 -31.17 27.26
CA THR A 34 18.56 -30.63 26.12
C THR A 34 18.36 -29.12 26.25
N ALA A 35 18.32 -28.60 27.47
CA ALA A 35 17.95 -27.21 27.69
C ALA A 35 18.93 -26.26 27.02
N VAL A 36 18.41 -25.10 26.63
CA VAL A 36 19.19 -24.01 26.08
C VAL A 36 18.82 -22.74 26.83
N ASP A 37 19.80 -22.09 27.45
CA ASP A 37 19.55 -20.91 28.27
C ASP A 37 18.51 -21.21 29.35
N GLY A 38 18.50 -22.44 29.85
CA GLY A 38 17.55 -22.87 30.86
C GLY A 38 16.20 -23.27 30.34
N VAL A 39 15.95 -23.16 29.04
CA VAL A 39 14.65 -23.49 28.44
C VAL A 39 14.81 -24.77 27.63
N PHE A 40 13.99 -25.77 27.94
CA PHE A 40 13.97 -27.01 27.19
C PHE A 40 12.55 -27.32 26.76
N ILE A 41 12.44 -28.01 25.62
CA ILE A 41 11.14 -28.40 25.06
C ILE A 41 10.78 -29.75 25.71
N ARG A 42 9.90 -29.71 26.70
CA ARG A 42 9.54 -30.94 27.39
C ARG A 42 8.82 -31.91 26.45
N SER A 43 7.96 -31.39 25.58
CA SER A 43 7.22 -32.26 24.68
C SER A 43 6.78 -31.45 23.46
N LEU A 44 6.73 -32.14 22.33
CA LEU A 44 6.22 -31.58 21.08
C LEU A 44 5.50 -32.70 20.35
N LYS A 45 4.18 -32.59 20.24
CA LYS A 45 3.35 -33.67 19.72
C LYS A 45 2.47 -33.15 18.59
N VAL A 46 2.38 -33.95 17.53
CA VAL A 46 1.49 -33.69 16.41
C VAL A 46 0.49 -34.84 16.35
N ASN A 47 -0.79 -34.53 16.50
CA ASN A 47 -1.86 -35.52 16.48
C ASN A 47 -2.79 -35.20 15.33
N CYS A 48 -2.83 -36.10 14.34
CA CYS A 48 -3.67 -35.93 13.15
C CYS A 48 -4.73 -37.01 13.14
N LYS A 49 -6.00 -36.60 13.17
CA LYS A 49 -7.13 -37.50 13.06
C LYS A 49 -7.74 -37.30 11.68
N VAL A 50 -7.74 -38.35 10.88
CA VAL A 50 -8.31 -38.32 9.53
C VAL A 50 -9.56 -39.19 9.53
N THR A 51 -10.68 -38.61 9.11
CA THR A 51 -11.95 -39.33 9.01
C THR A 51 -12.56 -39.02 7.66
N SER A 52 -12.61 -40.03 6.79
CA SER A 52 -13.14 -39.87 5.43
C SER A 52 -12.57 -38.62 4.77
N ARG A 53 -11.24 -38.56 4.72
CA ARG A 53 -10.47 -37.51 4.07
C ARG A 53 -10.44 -36.19 4.83
N PHE A 54 -11.19 -36.08 5.93
CA PHE A 54 -11.16 -34.86 6.74
C PHE A 54 -10.04 -35.00 7.78
N ALA A 55 -9.04 -34.13 7.68
CA ALA A 55 -7.85 -34.20 8.51
C ALA A 55 -7.92 -33.13 9.61
N HIS A 56 -7.79 -33.57 10.86
CA HIS A 56 -7.92 -32.71 12.03
C HIS A 56 -6.58 -32.71 12.77
N TYR A 57 -5.81 -31.63 12.61
CA TYR A 57 -4.49 -31.53 13.20
C TYR A 57 -4.54 -30.83 14.56
N VAL A 58 -3.80 -31.37 15.52
CA VAL A 58 -3.56 -30.71 16.79
C VAL A 58 -2.08 -30.81 17.10
N VAL A 59 -1.40 -29.67 17.18
CA VAL A 59 0.02 -29.60 17.49
C VAL A 59 0.17 -28.97 18.87
N THR A 60 0.79 -29.69 19.79
CA THR A 60 0.91 -29.26 21.18
C THR A 60 2.37 -29.27 21.59
N SER A 61 2.85 -28.13 22.10
CA SER A 61 4.22 -27.98 22.54
C SER A 61 4.23 -27.46 23.98
N GLN A 62 5.03 -28.09 24.83
CA GLN A 62 5.21 -27.65 26.21
C GLN A 62 6.68 -27.35 26.43
N VAL A 63 6.98 -26.08 26.73
CA VAL A 63 8.35 -25.63 26.98
C VAL A 63 8.43 -25.21 28.44
N VAL A 64 9.55 -25.52 29.08
CA VAL A 64 9.75 -25.26 30.50
C VAL A 64 10.94 -24.33 30.65
N ASN A 65 10.76 -23.24 31.40
CA ASN A 65 11.83 -22.29 31.71
C ASN A 65 12.31 -22.57 33.13
N THR A 66 13.44 -23.26 33.25
CA THR A 66 14.02 -23.59 34.54
C THR A 66 14.83 -22.45 35.14
N ALA A 67 15.17 -21.43 34.34
CA ALA A 67 15.97 -20.32 34.84
C ALA A 67 15.18 -19.49 35.85
N ASN A 68 15.92 -18.81 36.72
CA ASN A 68 15.33 -17.92 37.71
C ASN A 68 15.03 -16.54 37.17
N GLU A 69 15.35 -16.29 35.90
CA GLU A 69 15.03 -15.04 35.23
C GLU A 69 13.94 -15.28 34.19
N ALA A 70 13.48 -14.18 33.59
CA ALA A 70 12.51 -14.28 32.52
C ALA A 70 13.20 -14.70 31.23
N ARG A 71 12.49 -15.47 30.42
CA ARG A 71 13.06 -16.00 29.19
C ARG A 71 12.06 -15.84 28.05
N GLU A 72 12.59 -15.67 26.84
CA GLU A 72 11.77 -15.64 25.63
C GLU A 72 11.70 -17.03 25.05
N VAL A 73 10.48 -17.49 24.75
CA VAL A 73 10.27 -18.79 24.17
C VAL A 73 9.49 -18.63 22.86
N ALA A 74 9.63 -19.62 22.00
CA ALA A 74 9.05 -19.57 20.67
C ALA A 74 8.18 -20.79 20.42
N PHE A 75 7.06 -20.57 19.75
CA PHE A 75 6.23 -21.63 19.20
C PHE A 75 6.17 -21.38 17.70
N ASP A 76 6.88 -22.22 16.93
CA ASP A 76 7.14 -21.95 15.53
C ASP A 76 6.94 -23.24 14.74
N LEU A 77 6.03 -23.21 13.78
CA LEU A 77 5.74 -24.39 12.98
C LEU A 77 5.18 -23.95 11.63
N GLU A 78 5.16 -24.89 10.69
CA GLU A 78 4.61 -24.67 9.36
C GLU A 78 3.34 -25.48 9.18
N ILE A 79 2.34 -24.87 8.54
CA ILE A 79 1.08 -25.53 8.26
C ILE A 79 0.76 -25.35 6.78
N PRO A 80 -0.07 -26.23 6.23
CA PRO A 80 -0.39 -26.11 4.79
C PRO A 80 -1.35 -24.97 4.52
N LYS A 81 -1.12 -24.28 3.40
CA LYS A 81 -1.99 -23.19 2.97
C LYS A 81 -3.44 -23.65 2.81
N THR A 82 -3.67 -24.92 2.54
CA THR A 82 -5.01 -25.42 2.32
C THR A 82 -5.81 -25.55 3.61
N ALA A 83 -5.17 -25.53 4.77
CA ALA A 83 -5.86 -25.73 6.03
C ALA A 83 -6.39 -24.42 6.59
N PHE A 84 -7.42 -24.55 7.43
CA PHE A 84 -7.96 -23.44 8.21
C PHE A 84 -7.63 -23.67 9.67
N ILE A 85 -7.01 -22.67 10.30
CA ILE A 85 -6.82 -22.71 11.75
C ILE A 85 -8.18 -22.62 12.43
N SER A 86 -8.43 -23.52 13.38
CA SER A 86 -9.72 -23.58 14.07
C SER A 86 -9.62 -23.29 15.56
N ASP A 87 -8.44 -23.34 16.16
CA ASP A 87 -8.29 -23.07 17.59
C ASP A 87 -6.82 -22.83 17.90
N PHE A 88 -6.59 -21.95 18.87
CA PHE A 88 -5.24 -21.71 19.38
C PHE A 88 -5.34 -21.37 20.86
N ALA A 89 -4.56 -22.08 21.68
CA ALA A 89 -4.60 -21.91 23.12
C ALA A 89 -3.19 -21.85 23.67
N VAL A 90 -2.97 -20.95 24.63
CA VAL A 90 -1.71 -20.83 25.33
C VAL A 90 -2.00 -20.80 26.82
N THR A 91 -1.35 -21.67 27.58
CA THR A 91 -1.57 -21.79 29.02
C THR A 91 -0.23 -21.67 29.72
N ALA A 92 -0.06 -20.63 30.52
CA ALA A 92 1.17 -20.36 31.26
C ALA A 92 0.89 -20.48 32.75
N ASP A 93 1.27 -21.61 33.34
CA ASP A 93 1.15 -21.83 34.78
C ASP A 93 -0.27 -21.55 35.27
N GLY A 94 -1.24 -22.17 34.58
CA GLY A 94 -2.63 -21.99 34.91
C GLY A 94 -3.29 -20.78 34.28
N ASN A 95 -2.50 -19.78 33.88
CA ASN A 95 -3.05 -18.59 33.22
C ASN A 95 -3.35 -18.94 31.77
N ALA A 96 -4.63 -18.99 31.42
CA ALA A 96 -5.07 -19.52 30.13
C ALA A 96 -5.39 -18.39 29.16
N PHE A 97 -5.01 -18.58 27.91
CA PHE A 97 -5.31 -17.66 26.83
C PHE A 97 -5.83 -18.46 25.64
N ILE A 98 -6.81 -17.89 24.93
CA ILE A 98 -7.42 -18.56 23.78
C ILE A 98 -7.65 -17.54 22.68
N GLY A 99 -7.51 -18.00 21.45
CA GLY A 99 -7.78 -17.16 20.30
C GLY A 99 -9.28 -17.05 20.05
N ASP A 100 -9.77 -15.82 19.95
CA ASP A 100 -11.17 -15.56 19.63
C ASP A 100 -11.30 -15.19 18.16
N ILE A 101 -12.19 -15.86 17.46
CA ILE A 101 -12.38 -15.64 16.03
C ILE A 101 -13.42 -14.54 15.83
N LYS A 102 -13.15 -13.65 14.90
CA LYS A 102 -14.00 -12.49 14.67
C LYS A 102 -13.84 -12.03 13.23
N ASP A 103 -14.75 -11.16 12.80
CA ASP A 103 -14.60 -10.51 11.51
C ASP A 103 -13.22 -9.87 11.41
N LYS A 104 -12.56 -10.09 10.27
CA LYS A 104 -11.19 -9.60 10.10
C LYS A 104 -11.12 -8.09 10.30
N VAL A 105 -12.09 -7.35 9.77
CA VAL A 105 -12.10 -5.90 9.92
C VAL A 105 -12.07 -5.52 11.39
N THR A 106 -12.86 -6.19 12.21
CA THR A 106 -12.88 -5.89 13.64
C THR A 106 -11.52 -6.17 14.28
N ALA A 107 -10.88 -7.27 13.89
CA ALA A 107 -9.62 -7.66 14.50
C ALA A 107 -8.48 -6.72 14.12
N TRP A 108 -8.56 -6.08 12.95
CA TRP A 108 -7.50 -5.22 12.46
C TRP A 108 -7.71 -3.75 12.77
N LYS A 109 -8.76 -3.40 13.52
CA LYS A 109 -8.98 -2.01 13.87
C LYS A 109 -7.83 -1.45 14.72
N GLN A 110 -7.18 -2.31 15.51
CA GLN A 110 -6.04 -1.87 16.31
C GLN A 110 -4.84 -1.47 15.45
N TYR A 111 -4.78 -1.93 14.21
CA TYR A 111 -3.66 -1.64 13.32
C TYR A 111 -3.77 -0.32 12.57
N ARG A 112 -4.96 0.25 12.42
CA ARG A 112 -5.13 1.43 11.58
C ARG A 112 -4.25 2.59 12.08
N LYS A 113 -4.41 2.98 13.34
CA LYS A 113 -3.64 4.08 13.90
C LYS A 113 -2.23 3.68 14.34
N ALA A 114 -1.86 2.41 14.21
CA ALA A 114 -0.58 1.94 14.74
C ALA A 114 0.50 2.02 13.67
N ALA A 115 1.76 1.86 14.11
CA ALA A 115 2.90 2.05 13.23
C ALA A 115 3.34 0.78 12.54
N ILE A 116 2.70 -0.35 12.80
CA ILE A 116 3.01 -1.60 12.11
C ILE A 116 1.76 -2.06 11.37
N SER A 117 1.98 -2.68 10.21
CA SER A 117 0.90 -3.21 9.40
C SER A 117 0.49 -4.59 9.91
N GLY A 118 -0.81 -4.88 9.79
CA GLY A 118 -1.29 -6.18 10.24
C GLY A 118 -0.62 -7.34 9.53
N GLU A 119 -0.22 -7.14 8.27
CA GLU A 119 0.53 -8.18 7.57
C GLU A 119 1.86 -8.46 8.27
N ASN A 120 2.59 -7.39 8.63
CA ASN A 120 3.87 -7.55 9.30
C ASN A 120 3.70 -8.07 10.73
N ALA A 121 2.61 -7.69 11.40
CA ALA A 121 2.40 -8.04 12.80
C ALA A 121 1.82 -9.44 12.97
N GLY A 122 1.13 -9.97 11.97
CA GLY A 122 0.42 -11.23 12.14
C GLY A 122 1.35 -12.37 12.51
N LEU A 123 0.80 -13.35 13.23
CA LEU A 123 1.55 -14.54 13.59
C LEU A 123 1.78 -15.48 12.41
N VAL A 124 0.93 -15.41 11.39
CA VAL A 124 1.00 -16.33 10.25
C VAL A 124 1.40 -15.55 9.00
N ARG A 125 2.32 -16.14 8.23
CA ARG A 125 2.74 -15.58 6.96
C ARG A 125 3.10 -16.72 6.02
N ALA A 126 3.06 -16.44 4.72
CA ALA A 126 3.44 -17.44 3.73
C ALA A 126 4.94 -17.73 3.81
N SER A 127 5.30 -19.00 3.67
CA SER A 127 6.68 -19.43 3.78
C SER A 127 7.13 -20.36 2.65
N GLY A 128 6.26 -20.68 1.71
CA GLY A 128 6.65 -21.57 0.62
C GLY A 128 5.51 -21.77 -0.34
N ARG A 129 5.72 -22.73 -1.25
CA ARG A 129 4.71 -23.00 -2.28
C ARG A 129 3.40 -23.45 -1.65
N THR A 130 3.47 -24.36 -0.68
CA THR A 130 2.28 -25.00 -0.13
C THR A 130 2.13 -24.84 1.38
N MET A 131 3.01 -24.10 2.04
CA MET A 131 3.01 -24.02 3.49
C MET A 131 2.99 -22.57 3.95
N GLU A 132 2.49 -22.38 5.18
CA GLU A 132 2.51 -21.11 5.88
C GLU A 132 3.22 -21.32 7.21
N GLN A 133 3.81 -20.24 7.72
CA GLN A 133 4.61 -20.29 8.94
C GLN A 133 3.82 -19.62 10.06
N PHE A 134 3.60 -20.37 11.14
CA PHE A 134 2.99 -19.85 12.36
C PHE A 134 4.10 -19.62 13.37
N THR A 135 4.25 -18.38 13.83
CA THR A 135 5.34 -18.02 14.74
C THR A 135 4.84 -17.05 15.79
N ILE A 136 5.08 -17.37 17.05
CA ILE A 136 4.84 -16.44 18.16
C ILE A 136 6.02 -16.52 19.11
N HIS A 137 6.49 -15.36 19.55
CA HIS A 137 7.55 -15.25 20.55
C HIS A 137 6.97 -14.62 21.80
N LEU A 138 7.15 -15.28 22.93
CA LEU A 138 6.50 -14.90 24.18
C LEU A 138 7.52 -14.89 25.30
N THR A 139 7.54 -13.80 26.07
CA THR A 139 8.38 -13.73 27.26
C THR A 139 7.63 -14.40 28.42
N VAL A 140 8.22 -15.46 28.97
CA VAL A 140 7.58 -16.24 30.02
C VAL A 140 8.23 -15.90 31.35
N ASN A 141 7.50 -16.18 32.42
CA ASN A 141 8.00 -15.95 33.77
C ASN A 141 9.07 -16.98 34.12
N PRO A 142 9.86 -16.73 35.17
CA PRO A 142 10.79 -17.76 35.63
C PRO A 142 10.05 -18.94 36.22
N GLN A 143 10.72 -20.10 36.21
CA GLN A 143 10.15 -21.32 36.76
C GLN A 143 8.77 -21.58 36.16
N SER A 144 8.64 -21.36 34.85
CA SER A 144 7.34 -21.36 34.19
C SER A 144 7.19 -22.57 33.28
N LYS A 145 5.95 -23.05 33.17
CA LYS A 145 5.58 -24.12 32.25
C LYS A 145 4.50 -23.58 31.33
N VAL A 146 4.80 -23.53 30.04
CA VAL A 146 3.91 -22.95 29.04
C VAL A 146 3.56 -24.03 28.02
N THR A 147 2.27 -24.14 27.70
CA THR A 147 1.78 -25.13 26.75
C THR A 147 1.11 -24.39 25.58
N PHE A 148 1.62 -24.63 24.38
CA PHE A 148 0.99 -24.13 23.15
C PHE A 148 0.23 -25.25 22.48
N GLN A 149 -0.94 -24.93 21.95
CA GLN A 149 -1.75 -25.92 21.23
C GLN A 149 -2.46 -25.23 20.06
N LEU A 150 -2.15 -25.67 18.85
CA LEU A 150 -2.74 -25.14 17.63
C LEU A 150 -3.54 -26.23 16.94
N THR A 151 -4.74 -25.89 16.50
CA THR A 151 -5.61 -26.81 15.77
C THR A 151 -5.91 -26.23 14.40
N TYR A 152 -5.77 -27.06 13.37
CA TYR A 152 -6.12 -26.65 12.02
C TYR A 152 -6.62 -27.87 11.25
N GLU A 153 -7.52 -27.63 10.29
CA GLU A 153 -8.24 -28.68 9.62
C GLU A 153 -8.26 -28.44 8.11
N GLU A 154 -8.36 -29.53 7.36
CA GLU A 154 -8.47 -29.48 5.91
C GLU A 154 -9.12 -30.77 5.41
N VAL A 155 -9.65 -30.71 4.20
CA VAL A 155 -10.12 -31.89 3.49
C VAL A 155 -9.06 -32.31 2.50
N LEU A 156 -8.47 -33.49 2.72
CA LEU A 156 -7.42 -33.98 1.84
C LEU A 156 -7.94 -34.20 0.43
N LYS A 157 -7.13 -33.79 -0.55
CA LYS A 157 -7.49 -33.89 -1.97
C LYS A 157 -6.65 -34.97 -2.62
N ARG A 158 -7.29 -35.85 -3.39
CA ARG A 158 -6.59 -36.96 -4.01
C ARG A 158 -5.90 -36.51 -5.30
N ASN A 159 -4.63 -36.86 -5.43
CA ASN A 159 -3.86 -36.60 -6.64
C ASN A 159 -2.80 -37.68 -6.78
N HIS A 160 -2.66 -38.19 -8.01
CA HIS A 160 -1.69 -39.23 -8.30
C HIS A 160 -1.98 -40.49 -7.47
N MET A 161 -3.26 -40.85 -7.40
CA MET A 161 -3.69 -42.10 -6.78
C MET A 161 -3.42 -42.14 -5.28
N GLN A 162 -3.44 -41.00 -4.60
CA GLN A 162 -3.15 -41.01 -3.17
C GLN A 162 -3.56 -39.70 -2.53
N TYR A 163 -3.72 -39.75 -1.21
CA TYR A 163 -3.76 -38.58 -0.36
C TYR A 163 -2.41 -38.44 0.34
N GLU A 164 -2.01 -37.20 0.59
CA GLU A 164 -0.69 -36.91 1.15
C GLU A 164 -0.83 -35.99 2.35
N ILE A 165 -0.22 -36.39 3.47
CA ILE A 165 -0.18 -35.59 4.68
C ILE A 165 1.28 -35.23 4.95
N VAL A 166 1.58 -33.94 4.98
CA VAL A 166 2.95 -33.45 5.14
C VAL A 166 3.03 -32.67 6.45
N ILE A 167 3.96 -33.05 7.31
CA ILE A 167 4.16 -32.41 8.60
C ILE A 167 5.61 -31.96 8.69
N LYS A 168 5.82 -30.65 8.82
CA LYS A 168 7.17 -30.08 8.92
C LYS A 168 7.70 -30.26 10.33
N VAL A 169 8.84 -30.94 10.45
CA VAL A 169 9.48 -31.22 11.73
C VAL A 169 10.68 -30.31 11.86
N LYS A 170 10.59 -29.33 12.75
CA LYS A 170 11.69 -28.39 12.97
C LYS A 170 11.56 -27.77 14.37
N PRO A 171 11.87 -28.52 15.43
CA PRO A 171 11.82 -27.94 16.77
C PRO A 171 13.01 -27.06 17.13
N LYS A 172 14.14 -27.18 16.42
CA LYS A 172 15.36 -26.42 16.67
C LYS A 172 16.02 -26.81 17.99
N GLN A 173 15.50 -27.80 18.70
CA GLN A 173 16.12 -28.29 19.93
C GLN A 173 15.79 -29.77 20.07
N LEU A 174 16.51 -30.44 20.95
CA LEU A 174 16.13 -31.80 21.33
C LEU A 174 14.85 -31.74 22.15
N VAL A 175 13.98 -32.73 21.94
CA VAL A 175 12.68 -32.79 22.59
C VAL A 175 12.62 -34.07 23.41
N HIS A 176 12.32 -33.93 24.70
CA HIS A 176 12.25 -35.09 25.58
C HIS A 176 11.18 -36.08 25.12
N HIS A 177 10.00 -35.57 24.78
CA HIS A 177 8.88 -36.39 24.33
C HIS A 177 8.36 -35.82 23.01
N PHE A 178 8.92 -36.30 21.91
CA PHE A 178 8.47 -35.93 20.58
C PHE A 178 7.62 -37.06 20.00
N GLU A 179 6.52 -36.69 19.34
CA GLU A 179 5.61 -37.68 18.81
C GLU A 179 4.84 -37.12 17.62
N ILE A 180 4.69 -37.95 16.59
CA ILE A 180 3.72 -37.73 15.51
C ILE A 180 2.81 -38.94 15.48
N ASP A 181 1.51 -38.70 15.59
CA ASP A 181 0.51 -39.76 15.62
C ASP A 181 -0.57 -39.43 14.59
N VAL A 182 -0.70 -40.29 13.58
CA VAL A 182 -1.72 -40.15 12.54
C VAL A 182 -2.68 -41.31 12.65
N ASP A 183 -3.95 -41.00 12.90
CA ASP A 183 -5.01 -42.00 13.06
C ASP A 183 -6.01 -41.80 11.94
N ILE A 184 -6.08 -42.77 11.04
CA ILE A 184 -6.91 -42.70 9.83
C ILE A 184 -8.08 -43.66 9.98
N PHE A 185 -9.28 -43.18 9.63
CA PHE A 185 -10.48 -44.02 9.62
C PHE A 185 -11.22 -43.74 8.31
N GLU A 186 -11.26 -44.73 7.43
CA GLU A 186 -11.90 -44.61 6.12
C GLU A 186 -12.98 -45.68 5.98
N PRO A 187 -14.26 -45.30 5.93
CA PRO A 187 -15.31 -46.33 5.79
C PRO A 187 -15.06 -47.33 4.67
N GLN A 188 -14.57 -46.87 3.52
CA GLN A 188 -14.38 -47.76 2.38
C GLN A 188 -13.21 -48.72 2.57
N GLY A 189 -12.35 -48.48 3.54
CA GLY A 189 -11.19 -49.32 3.76
C GLY A 189 -9.94 -48.72 3.15
N ILE A 190 -8.81 -48.95 3.82
CA ILE A 190 -7.52 -48.41 3.39
C ILE A 190 -6.83 -49.43 2.49
N SER A 191 -6.45 -48.99 1.29
CA SER A 191 -5.78 -49.87 0.34
C SER A 191 -4.26 -49.85 0.47
N LYS A 192 -3.69 -48.73 0.90
CA LYS A 192 -2.24 -48.64 1.08
C LYS A 192 -1.93 -47.52 2.08
N LEU A 193 -0.77 -47.65 2.71
CA LEU A 193 -0.34 -46.68 3.71
C LEU A 193 1.18 -46.67 3.76
N ASP A 194 1.77 -45.47 3.70
CA ASP A 194 3.21 -45.30 3.74
C ASP A 194 3.57 -44.06 4.56
N ALA A 195 4.74 -44.10 5.18
CA ALA A 195 5.23 -42.99 5.97
C ALA A 195 6.71 -42.81 5.69
N GLN A 196 7.10 -41.62 5.23
CA GLN A 196 8.46 -41.32 4.82
C GLN A 196 9.01 -40.15 5.62
N ALA A 197 10.24 -40.29 6.10
CA ALA A 197 10.95 -39.24 6.82
C ALA A 197 12.31 -39.07 6.17
N SER A 198 12.46 -38.01 5.37
CA SER A 198 13.69 -37.83 4.60
C SER A 198 14.88 -37.52 5.50
N PHE A 199 14.66 -36.80 6.60
CA PHE A 199 15.75 -36.45 7.51
C PHE A 199 16.29 -37.65 8.28
N LEU A 200 15.59 -38.78 8.29
CA LEU A 200 16.08 -39.95 8.99
C LEU A 200 16.84 -40.88 8.03
N PRO A 201 18.00 -41.40 8.45
CA PRO A 201 18.62 -42.48 7.68
C PRO A 201 17.69 -43.68 7.56
N LYS A 202 17.83 -44.41 6.45
CA LYS A 202 16.94 -45.54 6.18
C LYS A 202 16.87 -46.50 7.37
N GLU A 203 18.00 -46.74 8.02
CA GLU A 203 18.03 -47.67 9.14
C GLU A 203 17.29 -47.09 10.35
N LEU A 204 17.48 -45.80 10.63
CA LEU A 204 16.82 -45.18 11.77
C LEU A 204 15.32 -45.10 11.56
N ALA A 205 14.89 -44.80 10.32
CA ALA A 205 13.46 -44.67 10.05
C ALA A 205 12.74 -46.00 10.27
N ALA A 206 13.37 -47.11 9.92
CA ALA A 206 12.72 -48.41 10.01
C ALA A 206 12.39 -48.74 11.47
N GLN A 207 13.37 -48.63 12.36
CA GLN A 207 13.15 -48.98 13.76
C GLN A 207 12.22 -47.99 14.45
N THR A 208 12.17 -46.74 13.98
CA THR A 208 11.50 -45.68 14.71
C THR A 208 10.10 -45.38 14.20
N ILE A 209 9.82 -45.60 12.92
CA ILE A 209 8.52 -45.31 12.34
C ILE A 209 7.68 -46.58 12.40
N LYS A 210 6.60 -46.55 13.17
CA LYS A 210 5.66 -47.66 13.26
C LYS A 210 4.41 -47.34 12.46
N LYS A 211 4.04 -48.24 11.54
CA LYS A 211 2.87 -48.06 10.71
C LYS A 211 2.15 -49.39 10.55
N SER A 212 0.84 -49.34 10.38
CA SER A 212 0.03 -50.53 10.15
C SER A 212 -1.37 -50.08 9.77
N PHE A 213 -2.09 -50.98 9.09
CA PHE A 213 -3.47 -50.71 8.74
C PHE A 213 -4.18 -52.03 8.47
N SER A 214 -5.45 -52.09 8.84
CA SER A 214 -6.28 -53.27 8.60
C SER A 214 -7.73 -52.82 8.53
N GLY A 215 -8.39 -53.12 7.41
CA GLY A 215 -9.76 -52.71 7.22
C GLY A 215 -9.91 -51.21 7.11
N LYS A 216 -10.70 -50.62 7.99
CA LYS A 216 -10.99 -49.19 7.93
C LYS A 216 -9.99 -48.34 8.69
N LYS A 217 -9.13 -48.94 9.52
CA LYS A 217 -8.26 -48.20 10.42
C LYS A 217 -6.82 -48.25 9.95
N GLY A 218 -6.17 -47.10 10.01
CA GLY A 218 -4.74 -47.01 9.74
C GLY A 218 -4.07 -46.16 10.80
N HIS A 219 -2.82 -46.50 11.09
CA HIS A 219 -2.09 -45.85 12.18
C HIS A 219 -0.63 -45.67 11.80
N VAL A 220 -0.10 -44.48 12.09
CA VAL A 220 1.32 -44.18 11.94
C VAL A 220 1.78 -43.51 13.22
N LEU A 221 2.84 -44.03 13.83
CA LEU A 221 3.35 -43.53 15.10
C LEU A 221 4.85 -43.32 14.97
N PHE A 222 5.31 -42.10 15.25
CA PHE A 222 6.72 -41.73 15.17
C PHE A 222 7.11 -41.12 16.50
N ARG A 223 7.95 -41.82 17.26
CA ARG A 223 8.22 -41.49 18.66
C ARG A 223 9.73 -41.58 18.92
N PRO A 224 10.52 -40.72 18.27
CA PRO A 224 11.98 -40.81 18.42
C PRO A 224 12.41 -40.41 19.82
N THR A 225 13.29 -41.23 20.42
CA THR A 225 13.90 -40.88 21.70
C THR A 225 14.93 -39.77 21.49
N VAL A 226 15.35 -39.16 22.60
CA VAL A 226 16.31 -38.06 22.53
C VAL A 226 17.60 -38.51 21.86
N SER A 227 18.06 -39.73 22.17
CA SER A 227 19.28 -40.24 21.53
C SER A 227 19.11 -40.34 20.02
N GLN A 228 17.95 -40.80 19.56
CA GLN A 228 17.68 -40.93 18.13
C GLN A 228 17.55 -39.58 17.44
N GLN A 229 17.25 -38.52 18.18
CA GLN A 229 17.21 -37.17 17.62
C GLN A 229 18.59 -36.57 17.41
N GLN A 230 19.61 -37.04 18.12
CA GLN A 230 20.93 -36.44 18.07
C GLN A 230 21.61 -36.73 16.72
N SER A 231 22.29 -35.71 16.19
CA SER A 231 23.08 -35.89 14.97
C SER A 231 24.24 -36.85 15.19
N CYS A 232 24.93 -36.73 16.32
CA CYS A 232 26.05 -37.58 16.67
C CYS A 232 25.81 -38.23 18.03
N PRO A 233 26.47 -39.35 18.32
CA PRO A 233 26.23 -40.03 19.60
C PRO A 233 26.31 -39.13 20.82
N THR A 234 27.14 -38.09 20.81
CA THR A 234 27.33 -37.26 21.99
C THR A 234 27.33 -35.76 21.67
N CYS A 235 26.55 -35.35 20.66
CA CYS A 235 26.42 -33.94 20.32
C CYS A 235 24.97 -33.50 20.53
N SER A 236 24.79 -32.19 20.63
CA SER A 236 23.52 -31.61 21.07
C SER A 236 22.55 -31.32 19.93
N THR A 237 23.04 -30.99 18.73
CA THR A 237 22.14 -30.63 17.65
C THR A 237 21.25 -31.83 17.28
N SER A 238 20.04 -31.52 16.82
CA SER A 238 19.04 -32.53 16.50
C SER A 238 18.90 -32.69 15.00
N LEU A 239 18.82 -33.94 14.55
CA LEU A 239 18.60 -34.22 13.13
C LEU A 239 17.15 -33.99 12.70
N LEU A 240 16.23 -33.76 13.65
CA LEU A 240 14.82 -33.59 13.33
C LEU A 240 14.63 -32.26 12.61
N ASN A 241 14.99 -32.26 11.32
CA ASN A 241 14.81 -31.10 10.46
C ASN A 241 14.41 -31.59 9.07
N GLY A 242 13.14 -31.44 8.73
CA GLY A 242 12.65 -31.89 7.44
C GLY A 242 11.13 -32.04 7.47
N HIS A 243 10.65 -32.97 6.64
CA HIS A 243 9.21 -33.19 6.47
C HIS A 243 8.87 -34.65 6.75
N PHE A 244 7.76 -34.86 7.46
CA PHE A 244 7.23 -36.19 7.74
C PHE A 244 6.00 -36.39 6.88
N LYS A 245 6.10 -37.26 5.88
CA LYS A 245 5.06 -37.45 4.88
C LYS A 245 4.35 -38.77 5.11
N VAL A 246 3.01 -38.71 5.20
CA VAL A 246 2.18 -39.90 5.28
C VAL A 246 1.26 -39.90 4.07
N THR A 247 1.29 -40.99 3.31
CA THR A 247 0.44 -41.15 2.14
C THR A 247 -0.43 -42.39 2.29
N TYR A 248 -1.61 -42.35 1.68
CA TYR A 248 -2.54 -43.48 1.72
C TYR A 248 -3.59 -43.30 0.64
N ASP A 249 -4.38 -44.34 0.45
CA ASP A 249 -5.56 -44.28 -0.41
C ASP A 249 -6.55 -45.32 0.10
N VAL A 250 -7.80 -45.20 -0.34
CA VAL A 250 -8.87 -46.07 0.12
C VAL A 250 -9.20 -47.08 -0.97
N SER A 251 -9.76 -48.21 -0.55
CA SER A 251 -10.21 -49.22 -1.51
C SER A 251 -11.30 -48.63 -2.39
N ARG A 252 -11.18 -48.84 -3.70
CA ARG A 252 -12.12 -48.29 -4.67
C ARG A 252 -12.85 -49.38 -5.46
N ASP A 253 -12.84 -50.61 -4.97
CA ASP A 253 -13.63 -51.67 -5.60
C ASP A 253 -15.10 -51.31 -5.62
N LYS A 254 -15.59 -50.72 -4.53
CA LYS A 254 -17.00 -50.34 -4.40
C LYS A 254 -17.17 -48.92 -4.96
N ILE A 255 -17.90 -48.80 -6.06
CA ILE A 255 -17.98 -47.54 -6.77
C ILE A 255 -18.77 -46.49 -6.00
N CYS A 256 -19.60 -46.90 -5.05
CA CYS A 256 -20.42 -45.98 -4.27
C CYS A 256 -19.74 -45.71 -2.93
N ASP A 257 -19.42 -44.45 -2.67
CA ASP A 257 -18.85 -44.01 -1.39
C ASP A 257 -19.69 -42.83 -0.91
N LEU A 258 -20.89 -43.14 -0.42
CA LEU A 258 -21.84 -42.14 0.05
C LEU A 258 -21.92 -42.23 1.57
N LEU A 259 -21.48 -41.17 2.23
CA LEU A 259 -21.36 -41.13 3.69
C LEU A 259 -22.34 -40.11 4.23
N VAL A 260 -23.29 -40.56 5.05
CA VAL A 260 -24.31 -39.69 5.61
C VAL A 260 -24.22 -39.78 7.13
N ALA A 261 -24.27 -38.62 7.79
CA ALA A 261 -24.16 -38.57 9.24
C ALA A 261 -24.79 -37.27 9.74
N ASN A 262 -25.91 -37.39 10.46
CA ASN A 262 -26.54 -36.26 11.15
C ASN A 262 -26.82 -35.10 10.19
N ASN A 263 -27.64 -35.39 9.18
CA ASN A 263 -28.14 -34.38 8.25
C ASN A 263 -27.05 -33.76 7.39
N HIS A 264 -25.89 -34.40 7.28
CA HIS A 264 -24.84 -33.96 6.37
C HIS A 264 -24.28 -35.18 5.66
N PHE A 265 -23.85 -34.99 4.41
CA PHE A 265 -23.35 -36.11 3.63
C PHE A 265 -22.09 -35.69 2.87
N ALA A 266 -21.27 -36.69 2.58
CA ALA A 266 -20.09 -36.55 1.74
C ALA A 266 -20.11 -37.68 0.72
N HIS A 267 -19.95 -37.33 -0.55
CA HIS A 267 -20.02 -38.30 -1.64
C HIS A 267 -18.71 -38.24 -2.42
N PHE A 268 -17.98 -39.36 -2.41
CA PHE A 268 -16.70 -39.48 -3.12
C PHE A 268 -16.88 -40.34 -4.35
N PHE A 269 -16.45 -39.82 -5.49
CA PHE A 269 -16.69 -40.46 -6.79
C PHE A 269 -15.37 -40.57 -7.54
N ALA A 270 -14.91 -41.78 -7.76
CA ALA A 270 -13.68 -42.03 -8.53
C ALA A 270 -13.68 -43.47 -9.04
N PRO A 271 -14.49 -43.78 -10.05
CA PRO A 271 -14.51 -45.14 -10.57
C PRO A 271 -13.14 -45.58 -11.08
N GLN A 272 -12.82 -46.84 -10.83
CA GLN A 272 -11.57 -47.43 -11.26
C GLN A 272 -11.81 -48.40 -12.41
N ASN A 273 -10.71 -48.82 -13.04
CA ASN A 273 -10.74 -49.79 -14.12
C ASN A 273 -11.51 -49.29 -15.35
N LEU A 274 -11.63 -47.97 -15.49
CA LEU A 274 -12.22 -47.40 -16.69
C LEU A 274 -11.18 -47.27 -17.78
N THR A 275 -11.63 -47.31 -19.03
CA THR A 275 -10.72 -47.20 -20.16
C THR A 275 -10.36 -45.74 -20.39
N ASN A 276 -9.07 -45.48 -20.58
CA ASN A 276 -8.59 -44.14 -20.90
C ASN A 276 -9.30 -43.62 -22.14
N MET A 277 -9.86 -42.42 -22.06
CA MET A 277 -10.44 -41.78 -23.22
C MET A 277 -9.35 -41.18 -24.10
N ASN A 278 -9.53 -41.29 -25.41
CA ASN A 278 -8.71 -40.51 -26.34
C ASN A 278 -9.05 -39.04 -26.18
N LYS A 279 -8.03 -38.19 -26.29
CA LYS A 279 -8.23 -36.77 -26.03
C LYS A 279 -7.64 -35.92 -27.15
N ASN A 280 -8.20 -34.72 -27.30
CA ASN A 280 -7.67 -33.69 -28.18
C ASN A 280 -7.11 -32.58 -27.29
N VAL A 281 -5.80 -32.39 -27.34
CA VAL A 281 -5.13 -31.42 -26.47
C VAL A 281 -4.37 -30.43 -27.32
N VAL A 282 -4.56 -29.14 -27.04
CA VAL A 282 -3.82 -28.06 -27.68
C VAL A 282 -3.07 -27.29 -26.62
N PHE A 283 -1.77 -27.09 -26.83
CA PHE A 283 -0.92 -26.34 -25.92
C PHE A 283 -0.68 -24.95 -26.51
N VAL A 284 -0.98 -23.92 -25.73
CA VAL A 284 -0.80 -22.53 -26.13
C VAL A 284 0.32 -21.95 -25.27
N ILE A 285 1.48 -21.71 -25.89
CA ILE A 285 2.72 -21.42 -25.16
C ILE A 285 3.16 -19.99 -25.47
N ALA A 286 3.47 -19.24 -24.43
CA ALA A 286 4.01 -17.89 -24.59
C ALA A 286 5.47 -17.97 -24.98
N ILE A 287 5.85 -17.23 -26.02
CA ILE A 287 7.24 -17.18 -26.46
C ILE A 287 7.74 -15.74 -26.42
N SER A 288 7.33 -15.00 -25.40
CA SER A 288 7.78 -13.63 -25.24
C SER A 288 9.26 -13.61 -24.90
N GLY A 289 9.89 -12.45 -25.15
CA GLY A 289 11.29 -12.30 -24.83
C GLY A 289 11.60 -12.56 -23.36
N SER A 290 10.62 -12.31 -22.49
CA SER A 290 10.83 -12.56 -21.07
C SER A 290 11.07 -14.03 -20.78
N MET A 291 10.63 -14.93 -21.65
CA MET A 291 10.88 -16.36 -21.46
C MET A 291 12.33 -16.73 -21.68
N ARG A 292 13.18 -15.80 -22.13
CA ARG A 292 14.56 -16.13 -22.44
C ARG A 292 15.28 -16.66 -21.21
N GLY A 293 16.02 -17.75 -21.41
CA GLY A 293 16.76 -18.36 -20.32
C GLY A 293 16.18 -19.66 -19.79
N GLN A 294 16.04 -19.76 -18.46
CA GLN A 294 15.60 -21.01 -17.88
C GLN A 294 14.16 -21.32 -18.26
N LYS A 295 13.30 -20.30 -18.31
CA LYS A 295 11.87 -20.53 -18.52
C LYS A 295 11.61 -21.24 -19.84
N VAL A 296 12.11 -20.68 -20.94
CA VAL A 296 11.91 -21.31 -22.24
C VAL A 296 12.56 -22.68 -22.29
N LYS A 297 13.74 -22.82 -21.68
CA LYS A 297 14.41 -24.11 -21.63
C LYS A 297 13.56 -25.14 -20.88
N GLN A 298 13.12 -24.80 -19.67
CA GLN A 298 12.32 -25.73 -18.88
C GLN A 298 10.98 -26.00 -19.53
N THR A 299 10.39 -25.00 -20.20
CA THR A 299 9.13 -25.22 -20.90
C THR A 299 9.31 -26.22 -22.05
N LYS A 300 10.35 -26.01 -22.86
CA LYS A 300 10.61 -26.94 -23.96
C LYS A 300 10.84 -28.34 -23.44
N GLU A 301 11.67 -28.47 -22.40
CA GLU A 301 11.95 -29.79 -21.85
C GLU A 301 10.67 -30.50 -21.43
N ALA A 302 9.76 -29.79 -20.78
CA ALA A 302 8.51 -30.40 -20.35
C ALA A 302 7.66 -30.82 -21.54
N LEU A 303 7.60 -29.99 -22.58
CA LEU A 303 6.82 -30.34 -23.75
C LEU A 303 7.40 -31.57 -24.45
N LEU A 304 8.72 -31.66 -24.54
CA LEU A 304 9.35 -32.83 -25.13
C LEU A 304 8.94 -34.10 -24.42
N LYS A 305 8.97 -34.09 -23.08
CA LYS A 305 8.58 -35.26 -22.30
C LYS A 305 7.09 -35.54 -22.45
N ILE A 306 6.25 -34.50 -22.43
CA ILE A 306 4.82 -34.70 -22.60
C ILE A 306 4.53 -35.32 -23.96
N LEU A 307 5.12 -34.76 -25.02
CA LEU A 307 4.95 -35.32 -26.36
C LEU A 307 5.47 -36.75 -26.43
N GLY A 308 6.52 -37.07 -25.68
CA GLY A 308 7.09 -38.41 -25.75
C GLY A 308 6.21 -39.48 -25.15
N ASP A 309 5.38 -39.11 -24.17
CA ASP A 309 4.48 -40.06 -23.51
C ASP A 309 3.07 -40.04 -24.07
N MET A 310 2.80 -39.23 -25.10
CA MET A 310 1.47 -39.19 -25.68
C MET A 310 1.11 -40.54 -26.31
N GLN A 311 -0.18 -40.90 -26.20
CA GLN A 311 -0.61 -42.21 -26.68
C GLN A 311 -1.07 -42.12 -28.13
N PRO A 312 -0.93 -43.23 -28.88
CA PRO A 312 -1.22 -43.18 -30.32
C PRO A 312 -2.62 -42.67 -30.67
N GLY A 313 -3.61 -42.89 -29.81
CA GLY A 313 -4.97 -42.50 -30.13
C GLY A 313 -5.30 -41.04 -29.92
N ASP A 314 -4.40 -40.27 -29.33
CA ASP A 314 -4.67 -38.87 -29.08
C ASP A 314 -4.42 -38.01 -30.31
N TYR A 315 -4.98 -36.81 -30.29
CA TYR A 315 -4.74 -35.79 -31.31
C TYR A 315 -4.32 -34.51 -30.61
N PHE A 316 -3.54 -33.69 -31.31
CA PHE A 316 -2.96 -32.51 -30.66
C PHE A 316 -2.49 -31.51 -31.71
N ASP A 317 -2.20 -30.30 -31.23
CA ASP A 317 -1.51 -29.28 -31.98
C ASP A 317 -0.84 -28.35 -30.98
N LEU A 318 0.03 -27.48 -31.48
CA LEU A 318 0.78 -26.55 -30.65
C LEU A 318 0.59 -25.13 -31.17
N VAL A 319 0.40 -24.19 -30.25
CA VAL A 319 0.24 -22.78 -30.59
C VAL A 319 1.25 -21.98 -29.79
N LEU A 320 2.05 -21.17 -30.48
CA LEU A 320 2.98 -20.25 -29.86
C LEU A 320 2.46 -18.83 -30.06
N PHE A 321 2.60 -17.99 -29.03
CA PHE A 321 2.18 -16.60 -29.13
C PHE A 321 3.23 -15.70 -28.49
N GLY A 322 3.80 -14.83 -29.31
CA GLY A 322 4.54 -13.68 -28.83
C GLY A 322 3.82 -12.44 -29.31
N THR A 323 4.51 -11.53 -29.99
CA THR A 323 3.81 -10.49 -30.71
C THR A 323 2.96 -11.08 -31.83
N ARG A 324 3.40 -12.19 -32.40
CA ARG A 324 2.70 -12.90 -33.45
C ARG A 324 2.24 -14.27 -32.97
N VAL A 325 1.14 -14.75 -33.54
CA VAL A 325 0.58 -16.06 -33.21
C VAL A 325 0.97 -17.06 -34.28
N GLN A 326 1.35 -18.26 -33.85
CA GLN A 326 1.87 -19.28 -34.76
C GLN A 326 1.46 -20.65 -34.25
N SER A 327 0.89 -21.46 -35.14
CA SER A 327 0.45 -22.80 -34.81
C SER A 327 1.28 -23.80 -35.59
N TRP A 328 1.60 -24.93 -34.96
CA TRP A 328 2.47 -25.91 -35.58
C TRP A 328 1.83 -26.49 -36.83
N LYS A 329 0.62 -27.04 -36.71
CA LYS A 329 -0.10 -27.62 -37.83
C LYS A 329 -1.33 -26.83 -38.25
N GLY A 330 -1.93 -26.08 -37.33
CA GLY A 330 -3.19 -25.41 -37.61
C GLY A 330 -4.42 -26.30 -37.51
N SER A 331 -4.25 -27.55 -37.12
CA SER A 331 -5.37 -28.46 -36.93
C SER A 331 -4.89 -29.64 -36.09
N LEU A 332 -5.85 -30.30 -35.45
CA LEU A 332 -5.52 -31.48 -34.65
C LEU A 332 -5.02 -32.60 -35.56
N VAL A 333 -3.83 -33.11 -35.25
CA VAL A 333 -3.25 -34.24 -35.97
C VAL A 333 -3.04 -35.38 -34.98
N GLN A 334 -3.06 -36.60 -35.50
CA GLN A 334 -2.94 -37.77 -34.65
C GLN A 334 -1.53 -37.89 -34.08
N ALA A 335 -1.44 -38.49 -32.89
CA ALA A 335 -0.16 -38.65 -32.19
C ALA A 335 0.61 -39.85 -32.74
N SER A 336 0.85 -39.82 -34.04
CA SER A 336 1.62 -40.85 -34.70
C SER A 336 3.10 -40.69 -34.36
N GLU A 337 3.87 -41.76 -34.62
CA GLU A 337 5.31 -41.69 -34.39
C GLU A 337 5.93 -40.54 -35.16
N ALA A 338 5.54 -40.37 -36.43
CA ALA A 338 6.10 -39.28 -37.24
C ALA A 338 5.68 -37.92 -36.71
N ASN A 339 4.39 -37.74 -36.45
CA ASN A 339 3.91 -36.44 -35.98
C ASN A 339 4.53 -36.07 -34.63
N LEU A 340 4.68 -37.05 -33.74
CA LEU A 340 5.27 -36.75 -32.43
C LEU A 340 6.73 -36.33 -32.57
N GLN A 341 7.49 -37.02 -33.42
CA GLN A 341 8.88 -36.64 -33.63
C GLN A 341 8.98 -35.28 -34.32
N ALA A 342 8.09 -35.00 -35.27
CA ALA A 342 8.09 -33.70 -35.92
C ALA A 342 7.75 -32.59 -34.93
N ALA A 343 6.82 -32.85 -34.02
CA ALA A 343 6.45 -31.85 -33.03
C ALA A 343 7.60 -31.60 -32.05
N GLN A 344 8.28 -32.66 -31.60
CA GLN A 344 9.43 -32.48 -30.73
C GLN A 344 10.49 -31.63 -31.41
N ASP A 345 10.74 -31.89 -32.71
CA ASP A 345 11.68 -31.08 -33.45
C ASP A 345 11.21 -29.64 -33.52
N PHE A 346 9.91 -29.42 -33.73
CA PHE A 346 9.37 -28.07 -33.75
C PHE A 346 9.53 -27.40 -32.39
N VAL A 347 9.39 -28.16 -31.31
CA VAL A 347 9.55 -27.61 -29.97
C VAL A 347 11.00 -27.17 -29.75
N ARG A 348 11.96 -28.05 -30.06
CA ARG A 348 13.36 -27.71 -29.88
C ARG A 348 13.77 -26.51 -30.72
N GLY A 349 13.06 -26.24 -31.81
CA GLY A 349 13.54 -25.28 -32.78
C GLY A 349 13.03 -23.85 -32.65
N PHE A 350 11.83 -23.66 -32.10
CA PHE A 350 11.23 -22.33 -32.14
C PHE A 350 12.05 -21.35 -31.30
N SER A 351 11.98 -20.08 -31.69
CA SER A 351 12.66 -19.00 -30.99
C SER A 351 11.65 -17.97 -30.51
N LEU A 352 12.08 -17.15 -29.56
CA LEU A 352 11.20 -16.20 -28.92
C LEU A 352 10.86 -15.05 -29.87
N ASP A 353 9.79 -14.33 -29.54
CA ASP A 353 9.25 -13.30 -30.43
C ASP A 353 8.69 -12.13 -29.63
N GLU A 354 9.54 -11.51 -28.81
CA GLU A 354 9.24 -10.21 -28.20
C GLU A 354 7.98 -10.19 -27.35
N ALA A 355 6.88 -9.62 -27.88
CA ALA A 355 5.73 -9.27 -27.07
C ALA A 355 4.87 -10.49 -26.72
N THR A 356 3.63 -10.24 -26.26
CA THR A 356 2.77 -11.31 -25.76
C THR A 356 1.34 -11.06 -26.24
N ASN A 357 0.95 -11.72 -27.34
CA ASN A 357 -0.42 -11.65 -27.85
C ASN A 357 -1.20 -12.82 -27.26
N LEU A 358 -1.60 -12.66 -26.00
CA LEU A 358 -2.27 -13.74 -25.28
C LEU A 358 -3.66 -13.99 -25.83
N ASN A 359 -4.40 -12.91 -26.16
CA ASN A 359 -5.73 -13.08 -26.71
C ASN A 359 -5.69 -13.88 -28.02
N GLY A 360 -4.78 -13.50 -28.92
CA GLY A 360 -4.67 -14.23 -30.17
C GLY A 360 -4.26 -15.67 -29.98
N GLY A 361 -3.36 -15.93 -29.04
CA GLY A 361 -2.91 -17.28 -28.80
C GLY A 361 -4.03 -18.19 -28.32
N LEU A 362 -4.81 -17.71 -27.35
CA LEU A 362 -5.91 -18.51 -26.82
C LEU A 362 -6.97 -18.75 -27.88
N LEU A 363 -7.39 -17.69 -28.59
CA LEU A 363 -8.43 -17.84 -29.60
C LEU A 363 -7.99 -18.77 -30.73
N ARG A 364 -6.69 -18.84 -31.01
CA ARG A 364 -6.20 -19.76 -32.02
C ARG A 364 -6.32 -21.20 -31.55
N GLY A 365 -5.87 -21.47 -30.32
CA GLY A 365 -6.01 -22.82 -29.78
C GLY A 365 -7.46 -23.24 -29.67
N ILE A 366 -8.34 -22.31 -29.30
CA ILE A 366 -9.77 -22.62 -29.22
C ILE A 366 -10.34 -22.89 -30.60
N GLU A 367 -9.94 -22.10 -31.59
CA GLU A 367 -10.41 -22.32 -32.96
C GLU A 367 -10.03 -23.71 -33.46
N ILE A 368 -8.82 -24.16 -33.12
CA ILE A 368 -8.37 -25.48 -33.57
C ILE A 368 -9.23 -26.58 -32.94
N LEU A 369 -9.42 -26.51 -31.61
CA LEU A 369 -10.24 -27.52 -30.95
C LEU A 369 -11.67 -27.51 -31.46
N ASN A 370 -12.20 -26.34 -31.82
CA ASN A 370 -13.57 -26.24 -32.29
C ASN A 370 -13.75 -26.75 -33.71
N GLN A 371 -12.66 -26.97 -34.45
CA GLN A 371 -12.77 -27.62 -35.75
C GLN A 371 -13.48 -28.96 -35.63
N VAL A 372 -13.35 -29.62 -34.47
CA VAL A 372 -13.98 -30.91 -34.26
C VAL A 372 -15.49 -30.83 -34.48
N GLN A 373 -16.06 -29.63 -34.30
CA GLN A 373 -17.50 -29.48 -34.48
C GLN A 373 -17.91 -29.65 -35.94
N GLU A 374 -17.14 -29.06 -36.86
CA GLU A 374 -17.47 -29.09 -38.29
C GLU A 374 -16.51 -29.94 -39.11
N SER A 375 -15.24 -29.56 -39.17
CA SER A 375 -14.30 -30.21 -40.08
C SER A 375 -13.94 -31.63 -39.65
N LEU A 376 -13.68 -31.85 -38.37
CA LEU A 376 -13.22 -33.14 -37.87
C LEU A 376 -14.22 -33.76 -36.90
N PRO A 377 -15.43 -34.08 -37.38
CA PRO A 377 -16.43 -34.67 -36.46
C PRO A 377 -16.06 -36.04 -35.94
N GLU A 378 -15.12 -36.74 -36.58
CA GLU A 378 -14.72 -38.07 -36.10
C GLU A 378 -13.98 -38.00 -34.78
N LEU A 379 -13.56 -36.82 -34.35
CA LEU A 379 -12.88 -36.63 -33.07
C LEU A 379 -13.81 -36.11 -31.98
N SER A 380 -15.11 -36.00 -32.28
CA SER A 380 -16.03 -35.34 -31.35
C SER A 380 -16.20 -36.12 -30.06
N ASN A 381 -15.99 -37.43 -30.08
CA ASN A 381 -16.16 -38.24 -28.88
C ASN A 381 -14.93 -38.22 -27.97
N HIS A 382 -13.83 -37.63 -28.42
CA HIS A 382 -12.66 -37.49 -27.57
C HIS A 382 -12.91 -36.44 -26.48
N ALA A 383 -12.13 -36.54 -25.41
CA ALA A 383 -12.13 -35.52 -24.38
C ALA A 383 -11.17 -34.41 -24.81
N SER A 384 -11.67 -33.19 -24.91
CA SER A 384 -10.86 -32.06 -25.32
C SER A 384 -10.29 -31.34 -24.10
N ILE A 385 -9.07 -30.82 -24.25
CA ILE A 385 -8.36 -30.13 -23.19
C ILE A 385 -7.54 -29.00 -23.80
N LEU A 386 -7.59 -27.83 -23.18
CA LEU A 386 -6.81 -26.67 -23.61
C LEU A 386 -5.90 -26.24 -22.46
N ILE A 387 -4.60 -26.22 -22.71
CA ILE A 387 -3.61 -25.85 -21.71
C ILE A 387 -2.86 -24.62 -22.23
N MET A 388 -2.75 -23.59 -21.40
CA MET A 388 -2.05 -22.37 -21.77
C MET A 388 -0.99 -22.07 -20.71
N LEU A 389 0.20 -21.69 -21.18
CA LEU A 389 1.32 -21.34 -20.32
C LEU A 389 1.80 -19.94 -20.66
N THR A 390 2.00 -19.11 -19.65
CA THR A 390 2.47 -17.75 -19.85
C THR A 390 3.25 -17.29 -18.64
N ASP A 391 4.25 -16.44 -18.88
CA ASP A 391 5.04 -15.84 -17.82
C ASP A 391 4.75 -14.36 -17.66
N GLY A 392 3.81 -13.81 -18.41
CA GLY A 392 3.50 -12.39 -18.34
C GLY A 392 2.09 -12.12 -18.80
N ASP A 393 1.72 -10.85 -18.71
CA ASP A 393 0.38 -10.38 -19.05
C ASP A 393 0.32 -10.01 -20.53
N PRO A 394 -0.88 -9.91 -21.09
CA PRO A 394 -1.00 -9.55 -22.51
C PRO A 394 -0.46 -8.15 -22.78
N THR A 395 0.38 -8.04 -23.80
CA THR A 395 0.95 -6.76 -24.23
C THR A 395 0.77 -6.49 -25.71
N GLU A 396 0.28 -7.44 -26.49
CA GLU A 396 0.08 -7.28 -27.93
C GLU A 396 -1.36 -7.60 -28.29
N GLY A 397 -1.92 -6.80 -29.18
CA GLY A 397 -3.30 -7.03 -29.61
C GLY A 397 -4.28 -6.58 -28.55
N VAL A 398 -5.25 -7.44 -28.25
CA VAL A 398 -6.25 -7.14 -27.24
C VAL A 398 -5.63 -7.31 -25.87
N THR A 399 -5.52 -6.21 -25.11
CA THR A 399 -4.92 -6.24 -23.79
C THR A 399 -5.91 -5.90 -22.68
N ASP A 400 -7.14 -5.51 -23.02
CA ASP A 400 -8.18 -5.34 -22.01
C ASP A 400 -8.55 -6.70 -21.44
N ARG A 401 -8.14 -6.95 -20.20
CA ARG A 401 -8.32 -8.27 -19.61
C ARG A 401 -9.80 -8.67 -19.58
N SER A 402 -10.68 -7.72 -19.21
CA SER A 402 -12.10 -8.04 -19.15
C SER A 402 -12.62 -8.48 -20.52
N GLN A 403 -12.14 -7.83 -21.59
CA GLN A 403 -12.55 -8.22 -22.92
C GLN A 403 -12.05 -9.62 -23.26
N ILE A 404 -10.82 -9.94 -22.87
CA ILE A 404 -10.26 -11.26 -23.14
C ILE A 404 -11.11 -12.34 -22.48
N LEU A 405 -11.49 -12.12 -21.21
CA LEU A 405 -12.36 -13.06 -20.52
C LEU A 405 -13.63 -13.31 -21.33
N LYS A 406 -14.25 -12.24 -21.83
CA LYS A 406 -15.44 -12.38 -22.66
C LYS A 406 -15.12 -13.16 -23.93
N ASN A 407 -14.03 -12.79 -24.61
CA ASN A 407 -13.67 -13.47 -25.86
C ASN A 407 -13.47 -14.96 -25.64
N VAL A 408 -12.81 -15.34 -24.55
CA VAL A 408 -12.47 -16.74 -24.34
C VAL A 408 -13.72 -17.56 -24.06
N ARG A 409 -14.53 -17.14 -23.08
CA ARG A 409 -15.68 -17.96 -22.68
C ARG A 409 -16.72 -18.03 -23.79
N ASN A 410 -16.84 -16.99 -24.61
CA ASN A 410 -17.78 -17.01 -25.73
C ASN A 410 -17.31 -17.90 -26.85
N ALA A 411 -16.00 -18.18 -26.94
CA ALA A 411 -15.47 -19.08 -27.95
C ALA A 411 -15.51 -20.53 -27.50
N ILE A 412 -15.25 -20.79 -26.23
CA ILE A 412 -15.26 -22.16 -25.72
C ILE A 412 -16.69 -22.65 -25.50
N ARG A 413 -17.52 -21.81 -24.88
CA ARG A 413 -18.93 -22.12 -24.67
C ARG A 413 -19.12 -23.40 -23.87
N GLY A 414 -18.26 -23.61 -22.87
CA GLY A 414 -18.40 -24.75 -21.98
C GLY A 414 -18.13 -26.10 -22.60
N ARG A 415 -17.44 -26.14 -23.74
CA ARG A 415 -17.22 -27.41 -24.44
C ARG A 415 -16.06 -28.20 -23.85
N PHE A 416 -15.07 -27.53 -23.26
CA PHE A 416 -13.89 -28.22 -22.74
C PHE A 416 -13.25 -27.35 -21.68
N PRO A 417 -12.45 -27.93 -20.79
CA PRO A 417 -11.79 -27.14 -19.75
C PRO A 417 -10.55 -26.42 -20.26
N LEU A 418 -10.25 -25.31 -19.61
CA LEU A 418 -9.06 -24.50 -19.90
C LEU A 418 -8.19 -24.46 -18.64
N TYR A 419 -6.94 -24.89 -18.78
CA TYR A 419 -6.00 -24.92 -17.67
C TYR A 419 -4.89 -23.91 -17.93
N ASN A 420 -4.86 -22.86 -17.12
CA ASN A 420 -3.87 -21.78 -17.26
C ASN A 420 -2.73 -22.00 -16.29
N LEU A 421 -1.50 -21.90 -16.80
CA LEU A 421 -0.29 -22.09 -16.01
C LEU A 421 0.46 -20.76 -15.93
N GLY A 422 0.54 -20.20 -14.73
CA GLY A 422 1.28 -18.97 -14.51
C GLY A 422 2.73 -19.25 -14.13
N PHE A 423 3.66 -18.92 -15.02
CA PHE A 423 5.07 -19.20 -14.83
C PHE A 423 5.73 -17.97 -14.20
N GLY A 424 6.06 -18.07 -12.92
CA GLY A 424 6.68 -16.97 -12.21
C GLY A 424 5.66 -16.04 -11.58
N HIS A 425 6.18 -14.95 -11.01
CA HIS A 425 5.37 -13.98 -10.29
C HIS A 425 5.37 -12.62 -10.98
N ASN A 426 5.58 -12.60 -12.29
CA ASN A 426 5.46 -11.38 -13.09
C ASN A 426 4.23 -11.43 -13.97
N VAL A 427 3.15 -12.02 -13.45
CA VAL A 427 1.91 -12.19 -14.20
C VAL A 427 0.73 -11.97 -13.26
N ASP A 428 -0.39 -11.54 -13.84
CA ASP A 428 -1.63 -11.33 -13.09
C ASP A 428 -2.30 -12.69 -12.94
N PHE A 429 -2.01 -13.38 -11.83
CA PHE A 429 -2.51 -14.73 -11.65
C PHE A 429 -4.01 -14.74 -11.42
N ASN A 430 -4.54 -13.74 -10.71
CA ASN A 430 -5.99 -13.65 -10.54
C ASN A 430 -6.70 -13.66 -11.89
N PHE A 431 -6.14 -12.94 -12.87
CA PHE A 431 -6.70 -12.96 -14.22
C PHE A 431 -6.71 -14.38 -14.79
N LEU A 432 -5.66 -15.16 -14.52
CA LEU A 432 -5.60 -16.53 -15.03
C LEU A 432 -6.57 -17.43 -14.29
N GLU A 433 -6.74 -17.22 -12.98
CA GLU A 433 -7.65 -18.05 -12.21
C GLU A 433 -9.10 -17.82 -12.65
N VAL A 434 -9.50 -16.56 -12.83
CA VAL A 434 -10.87 -16.28 -13.22
C VAL A 434 -11.18 -16.89 -14.58
N MET A 435 -10.25 -16.75 -15.54
CA MET A 435 -10.48 -17.29 -16.88
C MET A 435 -10.70 -18.80 -16.82
N SER A 436 -9.83 -19.52 -16.10
CA SER A 436 -10.01 -20.96 -15.97
C SER A 436 -11.30 -21.29 -15.25
N MET A 437 -11.63 -20.54 -14.20
CA MET A 437 -12.87 -20.77 -13.47
C MET A 437 -14.09 -20.59 -14.37
N GLU A 438 -14.04 -19.61 -15.27
CA GLU A 438 -15.15 -19.38 -16.18
C GLU A 438 -15.22 -20.41 -17.30
N ASN A 439 -14.27 -21.34 -17.37
CA ASN A 439 -14.20 -22.30 -18.47
C ASN A 439 -13.84 -23.69 -17.96
N ASN A 440 -14.54 -24.13 -16.91
CA ASN A 440 -14.52 -25.52 -16.46
C ASN A 440 -13.12 -26.01 -16.10
N GLY A 441 -12.18 -25.11 -15.82
CA GLY A 441 -10.84 -25.51 -15.48
C GLY A 441 -10.31 -24.88 -14.21
N ARG A 442 -9.01 -24.95 -14.02
CA ARG A 442 -8.35 -24.32 -12.88
C ARG A 442 -7.00 -23.78 -13.35
N ALA A 443 -6.44 -22.87 -12.57
CA ALA A 443 -5.13 -22.31 -12.85
C ALA A 443 -4.12 -22.87 -11.86
N GLN A 444 -2.87 -22.99 -12.32
CA GLN A 444 -1.79 -23.54 -11.52
C GLN A 444 -0.57 -22.65 -11.64
N ARG A 445 0.10 -22.43 -10.51
CA ARG A 445 1.32 -21.62 -10.49
C ARG A 445 2.53 -22.51 -10.73
N ILE A 446 3.40 -22.07 -11.64
CA ILE A 446 4.69 -22.70 -11.87
C ILE A 446 5.75 -21.76 -11.31
N TYR A 447 6.49 -22.23 -10.32
CA TYR A 447 7.48 -21.41 -9.63
C TYR A 447 8.80 -21.45 -10.39
N GLU A 448 9.36 -20.26 -10.66
CA GLU A 448 10.66 -20.17 -11.31
C GLU A 448 11.71 -20.78 -10.40
N ASP A 449 12.12 -22.02 -10.69
CA ASP A 449 13.04 -22.75 -9.85
C ASP A 449 13.70 -23.83 -10.69
N HIS A 450 14.66 -24.54 -10.09
CA HIS A 450 15.41 -25.56 -10.82
C HIS A 450 14.53 -26.71 -11.27
N ASP A 451 13.32 -26.84 -10.72
CA ASP A 451 12.46 -27.99 -10.98
C ASP A 451 11.19 -27.61 -11.74
N ALA A 452 11.19 -26.49 -12.45
CA ALA A 452 10.00 -26.06 -13.16
C ALA A 452 9.56 -27.11 -14.18
N THR A 453 10.51 -27.79 -14.82
CA THR A 453 10.14 -28.85 -15.76
C THR A 453 9.33 -29.93 -15.06
N GLN A 454 9.77 -30.36 -13.87
CA GLN A 454 9.05 -31.37 -13.12
C GLN A 454 7.70 -30.85 -12.64
N GLN A 455 7.63 -29.56 -12.28
CA GLN A 455 6.35 -28.97 -11.90
C GLN A 455 5.36 -29.06 -13.06
N LEU A 456 5.82 -28.73 -14.27
CA LEU A 456 4.93 -28.78 -15.43
C LEU A 456 4.47 -30.20 -15.71
N GLN A 457 5.40 -31.15 -15.71
CA GLN A 457 5.02 -32.56 -15.86
C GLN A 457 4.07 -32.97 -14.74
N GLY A 458 4.36 -32.55 -13.51
CA GLY A 458 3.49 -32.91 -12.39
C GLY A 458 2.07 -32.49 -12.63
N PHE A 459 1.85 -31.25 -13.08
CA PHE A 459 0.50 -30.78 -13.32
C PHE A 459 -0.15 -31.54 -14.47
N TYR A 460 0.55 -31.66 -15.60
CA TYR A 460 -0.04 -32.28 -16.78
C TYR A 460 -0.53 -33.70 -16.46
N SER A 461 0.23 -34.43 -15.65
CA SER A 461 -0.17 -35.79 -15.30
C SER A 461 -1.51 -35.81 -14.57
N GLN A 462 -1.90 -34.70 -13.95
CA GLN A 462 -3.19 -34.63 -13.26
C GLN A 462 -4.35 -34.59 -14.25
N VAL A 463 -4.12 -34.10 -15.46
CA VAL A 463 -5.16 -33.96 -16.48
C VAL A 463 -4.88 -34.83 -17.69
N ALA A 464 -3.86 -35.68 -17.63
CA ALA A 464 -3.42 -36.42 -18.82
C ALA A 464 -4.34 -37.56 -19.21
N LYS A 465 -5.12 -38.10 -18.27
CA LYS A 465 -5.89 -39.32 -18.49
C LYS A 465 -7.35 -39.10 -18.14
N PRO A 466 -8.09 -38.39 -18.99
CA PRO A 466 -9.54 -38.26 -18.76
C PRO A 466 -10.25 -39.58 -18.93
N LEU A 467 -11.17 -39.87 -18.00
CA LEU A 467 -11.94 -41.10 -18.01
C LEU A 467 -13.43 -40.89 -18.25
N LEU A 468 -13.98 -39.78 -17.77
CA LEU A 468 -15.38 -39.45 -17.98
C LEU A 468 -15.49 -37.96 -18.21
N VAL A 469 -16.56 -37.56 -18.92
CA VAL A 469 -16.85 -36.16 -19.17
C VAL A 469 -18.30 -35.89 -18.78
N ASP A 470 -18.58 -34.63 -18.45
CA ASP A 470 -19.92 -34.19 -18.08
C ASP A 470 -20.49 -35.05 -16.96
N VAL A 471 -19.73 -35.10 -15.86
CA VAL A 471 -20.16 -35.85 -14.69
C VAL A 471 -21.22 -35.04 -13.95
N ASP A 472 -22.40 -35.62 -13.79
CA ASP A 472 -23.53 -34.96 -13.14
C ASP A 472 -23.99 -35.81 -11.97
N LEU A 473 -23.70 -35.35 -10.75
CA LEU A 473 -24.16 -36.01 -9.54
C LEU A 473 -25.47 -35.37 -9.12
N GLN A 474 -26.53 -36.18 -9.11
CA GLN A 474 -27.89 -35.69 -8.92
C GLN A 474 -28.44 -36.21 -7.59
N TYR A 475 -29.06 -35.32 -6.83
CA TYR A 475 -29.64 -35.67 -5.54
C TYR A 475 -31.07 -35.19 -5.49
N PRO A 476 -31.94 -35.87 -4.73
CA PRO A 476 -33.36 -35.49 -4.71
C PRO A 476 -33.54 -34.08 -4.17
N GLN A 477 -34.15 -33.22 -5.00
CA GLN A 477 -34.30 -31.82 -4.64
C GLN A 477 -35.05 -31.64 -3.32
N ASP A 478 -35.97 -32.54 -3.01
CA ASP A 478 -36.74 -32.44 -1.77
C ASP A 478 -35.91 -32.72 -0.53
N ALA A 479 -34.66 -33.18 -0.68
CA ALA A 479 -33.85 -33.57 0.47
C ALA A 479 -32.63 -32.69 0.70
N VAL A 480 -32.23 -31.89 -0.28
CA VAL A 480 -30.97 -31.14 -0.21
C VAL A 480 -31.29 -29.68 0.10
N LEU A 481 -30.79 -29.20 1.23
CA LEU A 481 -30.86 -27.78 1.55
C LEU A 481 -29.69 -26.99 0.98
N ALA A 482 -28.52 -27.61 0.90
CA ALA A 482 -27.34 -26.97 0.32
C ALA A 482 -26.35 -28.06 -0.06
N LEU A 483 -25.62 -27.82 -1.15
CA LEU A 483 -24.60 -28.76 -1.58
C LEU A 483 -23.58 -28.03 -2.44
N THR A 484 -22.39 -28.62 -2.53
CA THR A 484 -21.30 -28.03 -3.28
C THR A 484 -21.41 -28.41 -4.76
N GLN A 485 -20.42 -28.01 -5.55
CA GLN A 485 -20.44 -28.22 -7.00
C GLN A 485 -20.73 -29.68 -7.33
N ASN A 486 -21.78 -29.91 -8.13
CA ASN A 486 -22.21 -31.25 -8.48
C ASN A 486 -22.10 -31.56 -9.97
N HIS A 487 -21.64 -30.62 -10.79
CA HIS A 487 -21.36 -30.86 -12.19
CA HIS A 487 -21.35 -30.89 -12.19
C HIS A 487 -19.87 -30.66 -12.43
N HIS A 488 -19.22 -31.63 -13.08
CA HIS A 488 -17.79 -31.60 -13.30
C HIS A 488 -17.50 -31.98 -14.74
N LYS A 489 -16.73 -31.13 -15.43
CA LYS A 489 -16.57 -31.29 -16.87
C LYS A 489 -15.82 -32.57 -17.22
N GLN A 490 -14.78 -32.91 -16.46
CA GLN A 490 -13.98 -34.09 -16.76
C GLN A 490 -13.49 -34.72 -15.46
N TYR A 491 -13.39 -36.04 -15.46
CA TYR A 491 -12.85 -36.81 -14.35
C TYR A 491 -11.61 -37.54 -14.83
N TYR A 492 -10.50 -37.37 -14.12
CA TYR A 492 -9.20 -37.86 -14.54
C TYR A 492 -8.71 -38.98 -13.63
N GLU A 493 -8.00 -39.94 -14.23
CA GLU A 493 -7.39 -41.00 -13.46
C GLU A 493 -6.44 -40.43 -12.42
N GLY A 494 -6.48 -40.98 -11.21
CA GLY A 494 -5.67 -40.54 -10.11
C GLY A 494 -6.28 -39.47 -9.24
N SER A 495 -7.29 -38.75 -9.74
CA SER A 495 -7.95 -37.71 -8.98
C SER A 495 -9.30 -38.23 -8.47
N GLU A 496 -10.19 -37.33 -8.08
CA GLU A 496 -11.43 -37.72 -7.43
C GLU A 496 -12.39 -36.54 -7.44
N ILE A 497 -13.68 -36.84 -7.52
CA ILE A 497 -14.74 -35.84 -7.41
C ILE A 497 -15.41 -36.03 -6.06
N VAL A 498 -15.59 -34.93 -5.32
CA VAL A 498 -16.16 -34.94 -3.98
C VAL A 498 -17.29 -33.93 -3.93
N VAL A 499 -18.44 -34.36 -3.42
CA VAL A 499 -19.60 -33.49 -3.23
C VAL A 499 -20.05 -33.65 -1.79
N ALA A 500 -20.35 -32.52 -1.14
CA ALA A 500 -20.88 -32.51 0.21
C ALA A 500 -22.11 -31.63 0.25
N GLY A 501 -22.97 -31.87 1.24
CA GLY A 501 -24.20 -31.11 1.35
C GLY A 501 -24.86 -31.31 2.69
N ARG A 502 -25.94 -30.57 2.89
CA ARG A 502 -26.74 -30.63 4.10
C ARG A 502 -28.13 -31.12 3.73
N ILE A 503 -28.66 -32.07 4.50
CA ILE A 503 -29.90 -32.75 4.19
C ILE A 503 -31.02 -32.14 5.01
N ALA A 504 -32.21 -32.05 4.41
CA ALA A 504 -33.38 -31.56 5.11
C ALA A 504 -33.81 -32.55 6.19
N ASP A 505 -34.51 -32.03 7.19
CA ASP A 505 -34.92 -32.86 8.32
C ASP A 505 -35.85 -33.97 7.85
N ASN A 506 -35.63 -35.18 8.36
CA ASN A 506 -36.48 -36.34 8.13
C ASN A 506 -36.38 -36.86 6.70
N LYS A 507 -35.31 -36.52 5.97
CA LYS A 507 -35.06 -37.05 4.65
C LYS A 507 -33.75 -37.83 4.58
N GLN A 508 -33.10 -38.05 5.72
CA GLN A 508 -31.81 -38.72 5.74
C GLN A 508 -31.94 -40.22 5.46
N SER A 509 -33.04 -40.84 5.93
CA SER A 509 -33.16 -42.29 5.84
C SER A 509 -33.19 -42.76 4.39
N SER A 510 -33.87 -42.01 3.52
CA SER A 510 -34.05 -42.41 2.12
C SER A 510 -33.10 -41.70 1.16
N PHE A 511 -32.13 -40.94 1.68
CA PHE A 511 -31.25 -40.16 0.81
C PHE A 511 -30.55 -41.06 -0.19
N LYS A 512 -30.32 -40.52 -1.39
CA LYS A 512 -29.71 -41.27 -2.46
C LYS A 512 -29.01 -40.32 -3.42
N ALA A 513 -28.27 -40.88 -4.37
CA ALA A 513 -27.58 -40.11 -5.37
C ALA A 513 -27.56 -40.89 -6.69
N ASP A 514 -27.75 -40.16 -7.80
CA ASP A 514 -27.62 -40.71 -9.14
C ASP A 514 -26.51 -39.95 -9.86
N VAL A 515 -25.57 -40.68 -10.43
CA VAL A 515 -24.43 -40.09 -11.12
C VAL A 515 -24.50 -40.47 -12.59
N GLN A 516 -24.59 -39.47 -13.46
CA GLN A 516 -24.58 -39.66 -14.90
C GLN A 516 -23.30 -39.09 -15.47
N ALA A 517 -22.81 -39.69 -16.56
CA ALA A 517 -21.62 -39.20 -17.22
C ALA A 517 -21.48 -39.93 -18.55
N HIS A 518 -20.53 -39.46 -19.36
CA HIS A 518 -20.25 -40.06 -20.66
C HIS A 518 -18.80 -40.51 -20.73
N GLY A 519 -18.59 -41.69 -21.31
CA GLY A 519 -17.29 -42.11 -21.78
C GLY A 519 -17.11 -41.79 -23.25
N GLU A 520 -16.09 -42.40 -23.84
CA GLU A 520 -15.86 -42.24 -25.27
C GLU A 520 -16.84 -43.17 -25.99
N GLY A 521 -17.95 -42.58 -26.46
CA GLY A 521 -18.99 -43.36 -27.10
C GLY A 521 -19.76 -44.24 -26.15
N GLN A 522 -19.84 -43.90 -24.87
CA GLN A 522 -20.55 -44.68 -23.88
C GLN A 522 -21.32 -43.76 -22.94
N GLU A 523 -22.28 -44.35 -22.24
CA GLU A 523 -23.07 -43.67 -21.22
C GLU A 523 -22.76 -44.30 -19.87
N PHE A 524 -22.49 -43.45 -18.88
CA PHE A 524 -22.21 -43.89 -17.52
C PHE A 524 -23.40 -43.54 -16.63
N SER A 525 -23.74 -44.46 -15.73
CA SER A 525 -24.88 -44.24 -14.83
C SER A 525 -24.81 -45.22 -13.67
N ILE A 526 -24.90 -44.70 -12.46
CA ILE A 526 -24.97 -45.52 -11.25
C ILE A 526 -25.94 -44.86 -10.26
N THR A 527 -26.35 -45.65 -9.27
CA THR A 527 -27.19 -45.18 -8.19
C THR A 527 -26.58 -45.62 -6.86
N CYS A 528 -26.48 -44.69 -5.92
CA CYS A 528 -25.93 -44.95 -4.60
C CYS A 528 -27.00 -44.67 -3.56
N LEU A 529 -27.32 -45.68 -2.75
CA LEU A 529 -28.27 -45.55 -1.65
C LEU A 529 -27.53 -45.58 -0.32
N VAL A 530 -27.95 -44.72 0.61
CA VAL A 530 -27.37 -44.72 1.94
C VAL A 530 -27.61 -46.08 2.57
N ASP A 531 -26.56 -46.65 3.17
CA ASP A 531 -26.66 -47.91 3.91
C ASP A 531 -26.85 -47.56 5.38
N GLU A 532 -28.12 -47.49 5.80
CA GLU A 532 -28.41 -47.07 7.17
C GLU A 532 -27.70 -47.95 8.19
N GLU A 533 -27.74 -49.27 7.99
CA GLU A 533 -27.08 -50.17 8.92
C GLU A 533 -25.58 -49.89 8.97
N GLU A 534 -24.96 -49.65 7.81
CA GLU A 534 -23.53 -49.36 7.79
C GLU A 534 -23.22 -48.04 8.47
N MET A 535 -24.06 -47.02 8.25
CA MET A 535 -23.83 -45.71 8.87
C MET A 535 -23.83 -45.83 10.39
N LYS A 536 -24.82 -46.55 10.94
CA LYS A 536 -24.84 -46.78 12.38
C LYS A 536 -23.59 -47.51 12.84
N LYS A 537 -23.14 -48.49 12.06
CA LYS A 537 -21.92 -49.21 12.39
C LYS A 537 -20.72 -48.26 12.38
N LEU A 538 -20.62 -47.41 11.37
CA LEU A 538 -19.53 -46.44 11.31
C LEU A 538 -19.57 -45.50 12.51
N LEU A 539 -20.77 -45.06 12.89
CA LEU A 539 -20.90 -44.18 14.05
C LEU A 539 -20.40 -44.87 15.32
N ARG A 540 -20.61 -46.18 15.43
CA ARG A 540 -20.10 -46.92 16.58
C ARG A 540 -18.58 -47.05 16.53
N GLU A 541 -18.02 -47.28 15.34
CA GLU A 541 -16.59 -47.53 15.24
C GLU A 541 -15.78 -46.26 15.45
N ARG A 542 -16.23 -45.14 14.87
CA ARG A 542 -15.48 -43.89 14.97
C ARG A 542 -16.06 -42.92 16.00
N GLY A 543 -17.30 -43.16 16.44
CA GLY A 543 -17.90 -42.30 17.44
C GLY A 543 -18.50 -41.04 16.84
N HIS A 544 -19.01 -40.19 17.73
CA HIS A 544 -19.64 -38.94 17.29
C HIS A 544 -18.67 -38.04 16.53
N MET A 545 -17.36 -38.29 16.67
CA MET A 545 -16.40 -37.55 15.86
C MET A 545 -16.71 -37.69 14.38
N LEU A 546 -17.26 -38.84 13.97
CA LEU A 546 -17.66 -39.03 12.58
C LEU A 546 -18.69 -37.99 12.16
N GLU A 547 -19.71 -37.77 13.00
CA GLU A 547 -20.73 -36.78 12.67
C GLU A 547 -20.12 -35.39 12.56
N ASN A 548 -19.27 -35.02 13.53
CA ASN A 548 -18.71 -33.68 13.54
C ASN A 548 -17.85 -33.43 12.30
N HIS A 549 -17.00 -34.39 11.94
CA HIS A 549 -16.08 -34.18 10.84
C HIS A 549 -16.78 -34.15 9.49
N VAL A 550 -17.87 -34.91 9.35
CA VAL A 550 -18.63 -34.85 8.10
C VAL A 550 -19.25 -33.47 7.92
N GLU A 551 -19.82 -32.91 8.99
CA GLU A 551 -20.36 -31.56 8.91
C GLU A 551 -19.26 -30.55 8.64
N ARG A 552 -18.14 -30.64 9.38
CA ARG A 552 -17.04 -29.72 9.17
C ARG A 552 -16.38 -29.92 7.82
N LEU A 553 -16.42 -31.15 7.28
CA LEU A 553 -16.01 -31.36 5.90
C LEU A 553 -16.87 -30.55 4.95
N TRP A 554 -18.19 -30.59 5.16
CA TRP A 554 -19.09 -29.79 4.32
C TRP A 554 -18.81 -28.31 4.47
N ALA A 555 -18.62 -27.84 5.70
CA ALA A 555 -18.37 -26.42 5.92
C ALA A 555 -17.08 -25.98 5.24
N TYR A 556 -16.02 -26.78 5.38
CA TYR A 556 -14.74 -26.46 4.74
C TYR A 556 -14.90 -26.32 3.23
N LEU A 557 -15.50 -27.33 2.59
CA LEU A 557 -15.65 -27.28 1.13
C LEU A 557 -16.56 -26.14 0.71
N THR A 558 -17.62 -25.86 1.49
CA THR A 558 -18.51 -24.76 1.15
C THR A 558 -17.79 -23.42 1.23
N ILE A 559 -16.97 -23.23 2.27
CA ILE A 559 -16.25 -21.96 2.42
C ILE A 559 -15.27 -21.77 1.28
N GLN A 560 -14.48 -22.81 0.98
CA GLN A 560 -13.54 -22.72 -0.13
C GLN A 560 -14.28 -22.41 -1.44
N GLU A 561 -15.43 -23.04 -1.65
CA GLU A 561 -16.20 -22.79 -2.86
C GLU A 561 -16.70 -21.34 -2.91
N LEU A 562 -17.13 -20.80 -1.77
CA LEU A 562 -17.55 -19.41 -1.72
C LEU A 562 -16.40 -18.47 -2.06
N LEU A 563 -15.21 -18.77 -1.56
CA LEU A 563 -14.04 -17.93 -1.85
C LEU A 563 -13.66 -17.98 -3.32
N ALA A 564 -13.87 -19.12 -3.97
CA ALA A 564 -13.57 -19.23 -5.39
C ALA A 564 -14.58 -18.46 -6.24
N LYS A 565 -15.87 -18.62 -5.94
CA LYS A 565 -16.89 -17.92 -6.73
C LYS A 565 -16.77 -16.41 -6.62
N ARG A 566 -16.41 -15.89 -5.44
CA ARG A 566 -16.51 -14.45 -5.23
C ARG A 566 -15.54 -13.68 -6.12
N MET A 567 -14.43 -14.29 -6.53
CA MET A 567 -13.43 -13.57 -7.30
C MET A 567 -13.78 -13.48 -8.78
N LYS A 568 -14.84 -14.14 -9.23
CA LYS A 568 -15.19 -14.18 -10.66
C LYS A 568 -16.60 -13.67 -10.90
N VAL A 569 -17.14 -12.86 -9.98
CA VAL A 569 -18.48 -12.31 -10.09
C VAL A 569 -18.40 -10.80 -9.91
N ASP A 570 -19.51 -10.14 -10.22
CA ASP A 570 -19.53 -8.69 -10.09
C ASP A 570 -19.39 -8.29 -8.62
N ARG A 571 -19.09 -7.00 -8.41
CA ARG A 571 -18.81 -6.52 -7.07
C ARG A 571 -20.02 -6.61 -6.16
N GLU A 572 -21.22 -6.47 -6.70
CA GLU A 572 -22.42 -6.60 -5.87
C GLU A 572 -22.58 -8.03 -5.36
N GLU A 573 -22.57 -9.01 -6.27
CA GLU A 573 -22.68 -10.41 -5.85
C GLU A 573 -21.46 -10.81 -5.02
N ARG A 574 -20.30 -10.18 -5.26
CA ARG A 574 -19.13 -10.46 -4.45
C ARG A 574 -19.36 -10.15 -2.98
N ALA A 575 -19.99 -9.01 -2.69
CA ALA A 575 -20.30 -8.67 -1.31
C ALA A 575 -21.24 -9.70 -0.69
N ASN A 576 -22.20 -10.20 -1.48
CA ASN A 576 -23.13 -11.20 -0.98
C ASN A 576 -22.40 -12.49 -0.63
N LEU A 577 -21.55 -12.97 -1.54
CA LEU A 577 -20.78 -14.18 -1.27
C LEU A 577 -19.82 -13.99 -0.11
N SER A 578 -19.24 -12.81 0.02
CA SER A 578 -18.33 -12.55 1.13
C SER A 578 -19.05 -12.69 2.46
N SER A 579 -20.27 -12.16 2.55
CA SER A 579 -21.02 -12.23 3.81
C SER A 579 -21.38 -13.67 4.15
N GLN A 580 -21.73 -14.47 3.13
CA GLN A 580 -21.96 -15.89 3.37
C GLN A 580 -20.71 -16.57 3.91
N ALA A 581 -19.57 -16.34 3.25
CA ALA A 581 -18.32 -16.94 3.70
C ALA A 581 -17.94 -16.45 5.09
N LEU A 582 -18.18 -15.17 5.39
CA LEU A 582 -17.90 -14.63 6.71
C LEU A 582 -18.74 -15.35 7.77
N GLN A 583 -20.04 -15.51 7.51
CA GLN A 583 -20.93 -16.11 8.49
C GLN A 583 -20.56 -17.56 8.75
N MET A 584 -20.24 -18.33 7.70
CA MET A 584 -19.86 -19.72 7.89
C MET A 584 -18.53 -19.83 8.62
N SER A 585 -17.57 -18.96 8.30
CA SER A 585 -16.29 -18.98 9.01
C SER A 585 -16.49 -18.75 10.50
N LEU A 586 -17.41 -17.85 10.86
CA LEU A 586 -17.67 -17.58 12.27
C LEU A 586 -18.43 -18.73 12.92
N ASP A 587 -19.43 -19.29 12.22
CA ASP A 587 -20.23 -20.36 12.80
C ASP A 587 -19.36 -21.57 13.18
N TYR A 588 -18.47 -21.97 12.27
CA TYR A 588 -17.61 -23.12 12.49
C TYR A 588 -16.23 -22.76 13.02
N GLY A 589 -15.96 -21.47 13.23
CA GLY A 589 -14.71 -21.06 13.83
C GLY A 589 -13.49 -21.36 13.00
N PHE A 590 -13.50 -20.93 11.75
CA PHE A 590 -12.37 -21.08 10.83
C PHE A 590 -11.68 -19.74 10.63
N VAL A 591 -10.35 -19.74 10.64
CA VAL A 591 -9.58 -18.57 10.24
C VAL A 591 -9.47 -18.60 8.72
N THR A 592 -10.25 -17.74 8.05
CA THR A 592 -10.27 -17.67 6.60
C THR A 592 -9.92 -16.26 6.16
N PRO A 593 -9.88 -15.97 4.86
CA PRO A 593 -9.57 -14.60 4.41
C PRO A 593 -10.54 -13.55 4.94
N LEU A 594 -11.68 -13.95 5.49
CA LEU A 594 -12.69 -13.03 6.01
C LEU A 594 -12.69 -12.93 7.53
N THR A 595 -11.92 -13.77 8.22
CA THR A 595 -11.90 -13.80 9.67
C THR A 595 -10.46 -13.76 10.18
N SER A 596 -10.31 -13.33 11.43
CA SER A 596 -9.05 -13.35 12.14
C SER A 596 -9.26 -13.94 13.53
N MET A 597 -8.16 -14.36 14.13
CA MET A 597 -8.17 -14.90 15.49
C MET A 597 -7.25 -14.02 16.35
N SER A 598 -7.83 -13.37 17.36
CA SER A 598 -7.09 -12.51 18.25
C SER A 598 -6.96 -13.17 19.62
N ILE A 599 -5.88 -12.84 20.32
CA ILE A 599 -5.59 -13.41 21.64
C ILE A 599 -5.63 -12.25 22.63
N ARG A 600 -6.71 -12.17 23.41
CA ARG A 600 -6.75 -11.23 24.51
C ARG A 600 -5.86 -11.72 25.65
N GLY A 601 -5.18 -10.79 26.30
CA GLY A 601 -4.28 -11.12 27.40
C GLY A 601 -2.82 -11.01 27.07
N MET A 602 -2.45 -10.74 25.82
CA MET A 602 -1.07 -10.58 25.40
C MET A 602 -0.94 -9.27 24.64
N ALA A 603 0.24 -8.66 24.73
CA ALA A 603 0.50 -7.38 24.10
C ALA A 603 1.96 -7.29 23.68
N ASP A 604 2.19 -6.65 22.54
CA ASP A 604 3.55 -6.39 22.06
C ASP A 604 4.02 -5.05 22.61
N GLN A 605 5.13 -4.54 22.10
CA GLN A 605 5.66 -3.26 22.61
C GLN A 605 4.63 -2.15 22.50
N ASP A 606 3.74 -2.20 21.50
CA ASP A 606 2.75 -1.16 21.28
C ASP A 606 1.38 -1.52 21.84
N GLY A 607 1.28 -2.58 22.65
CA GLY A 607 0.01 -2.95 23.22
C GLY A 607 -0.96 -3.59 22.25
N LEU A 608 -0.46 -4.20 21.18
CA LEU A 608 -1.31 -4.82 20.17
C LEU A 608 -1.48 -6.30 20.46
N LYS A 609 -2.68 -6.82 20.23
CA LYS A 609 -2.95 -8.22 20.46
C LYS A 609 -2.26 -9.08 19.39
N PRO A 610 -1.85 -10.29 19.73
CA PRO A 610 -1.49 -11.26 18.68
C PRO A 610 -2.68 -11.48 17.76
N THR A 611 -2.40 -11.56 16.46
CA THR A 611 -3.44 -11.70 15.46
C THR A 611 -3.04 -12.78 14.46
N ILE A 612 -4.00 -13.63 14.12
CA ILE A 612 -3.79 -14.78 13.25
C ILE A 612 -4.74 -14.65 12.06
N ASP A 613 -4.18 -14.72 10.85
CA ASP A 613 -4.95 -14.54 9.63
C ASP A 613 -4.55 -15.56 8.59
N LYS A 614 -5.36 -15.63 7.53
CA LYS A 614 -5.04 -16.45 6.37
C LYS A 614 -4.32 -15.58 5.36
N PRO A 615 -3.01 -15.75 5.15
CA PRO A 615 -2.31 -14.89 4.19
C PRO A 615 -2.83 -15.06 2.76
N SER A 616 -2.57 -14.05 1.95
CA SER A 616 -3.01 -14.02 0.57
C SER A 616 -1.92 -14.55 -0.36
N GLU A 617 -2.30 -14.79 -1.62
CA GLU A 617 -1.39 -15.26 -2.64
C GLU A 617 -0.78 -16.60 -2.25
N ARG A 628 9.34 -11.22 14.34
CA ARG A 628 10.08 -10.05 14.82
C ARG A 628 9.61 -9.63 16.20
N ARG A 629 8.38 -9.11 16.26
CA ARG A 629 7.82 -8.62 17.51
C ARG A 629 7.67 -9.75 18.53
N THR A 630 7.88 -9.40 19.79
CA THR A 630 7.76 -10.32 20.90
C THR A 630 6.69 -9.82 21.87
N PHE A 631 5.99 -10.77 22.49
CA PHE A 631 4.83 -10.48 23.31
C PHE A 631 5.11 -10.74 24.77
N VAL A 632 4.30 -10.09 25.62
CA VAL A 632 4.34 -10.27 27.06
C VAL A 632 2.90 -10.44 27.54
N LEU A 633 2.77 -11.01 28.73
CA LEU A 633 1.45 -11.15 29.33
C LEU A 633 0.97 -9.78 29.82
N SER A 634 -0.25 -9.41 29.44
CA SER A 634 -0.81 -8.11 29.79
C SER A 634 -2.31 -8.27 30.01
N ALA A 635 -2.76 -8.12 31.25
CA ALA A 635 -4.15 -8.35 31.61
C ALA A 635 -5.03 -7.11 31.51
N LEU A 636 -4.49 -5.96 31.12
CA LEU A 636 -5.25 -4.72 31.10
C LEU A 636 -5.34 -4.15 29.68
N GLN A 637 -6.47 -3.52 29.40
CA GLN A 637 -6.70 -2.80 28.15
C GLN A 637 -7.55 -1.57 28.45
N PRO A 638 -7.35 -0.47 27.72
CA PRO A 638 -8.17 0.71 27.94
C PRO A 638 -9.67 0.41 27.84
N SER A 639 -10.43 0.92 28.80
CA SER A 639 -11.88 0.74 28.84
C SER A 639 -12.55 1.70 27.87
N PRO A 640 -13.45 1.20 26.99
CA PRO A 640 -14.09 2.11 26.03
C PRO A 640 -15.23 2.92 26.65
N ASP B 33 39.86 26.60 22.33
CA ASP B 33 39.24 25.29 22.30
C ASP B 33 38.23 25.18 21.15
N THR B 34 37.42 26.22 20.98
CA THR B 34 36.40 26.21 19.92
C THR B 34 37.01 26.40 18.54
N ALA B 35 38.13 27.13 18.46
CA ALA B 35 38.69 27.50 17.16
C ALA B 35 39.11 26.26 16.40
N VAL B 36 39.01 26.34 15.07
CA VAL B 36 39.47 25.31 14.15
C VAL B 36 40.31 25.99 13.08
N ASP B 37 41.56 25.57 12.94
CA ASP B 37 42.49 26.20 12.01
C ASP B 37 42.58 27.70 12.27
N GLY B 38 42.43 28.09 13.54
CA GLY B 38 42.48 29.49 13.91
C GLY B 38 41.18 30.26 13.74
N VAL B 39 40.13 29.62 13.21
CA VAL B 39 38.85 30.29 12.95
C VAL B 39 37.84 29.77 13.95
N PHE B 40 37.20 30.69 14.68
CA PHE B 40 36.13 30.34 15.60
C PHE B 40 34.91 31.21 15.32
N ILE B 41 33.74 30.66 15.59
CA ILE B 41 32.47 31.36 15.40
C ILE B 41 32.19 32.15 16.67
N ARG B 42 32.44 33.45 16.63
CA ARG B 42 32.22 34.29 17.81
C ARG B 42 30.75 34.33 18.20
N SER B 43 29.85 34.41 17.21
CA SER B 43 28.44 34.49 17.51
C SER B 43 27.64 34.01 16.31
N LEU B 44 26.49 33.41 16.60
CA LEU B 44 25.53 33.00 15.57
C LEU B 44 24.14 33.20 16.16
N LYS B 45 23.41 34.17 15.63
CA LYS B 45 22.13 34.58 16.18
C LYS B 45 21.05 34.52 15.12
N VAL B 46 19.89 33.99 15.50
CA VAL B 46 18.70 34.01 14.66
C VAL B 46 17.65 34.82 15.40
N ASN B 47 17.21 35.91 14.78
CA ASN B 47 16.21 36.80 15.38
C ASN B 47 15.00 36.80 14.47
N CYS B 48 13.89 36.24 14.96
CA CYS B 48 12.64 36.16 14.20
C CYS B 48 11.59 37.01 14.90
N LYS B 49 11.12 38.05 14.22
CA LYS B 49 10.04 38.89 14.71
C LYS B 49 8.79 38.60 13.90
N VAL B 50 7.75 38.13 14.57
CA VAL B 50 6.48 37.78 13.93
C VAL B 50 5.44 38.82 14.35
N THR B 51 4.80 39.43 13.35
CA THR B 51 3.76 40.43 13.58
C THR B 51 2.56 40.04 12.72
N SER B 52 1.48 39.61 13.37
CA SER B 52 0.25 39.19 12.70
C SER B 52 0.56 38.24 11.53
N ARG B 53 1.27 37.16 11.86
CA ARG B 53 1.64 36.08 10.97
C ARG B 53 2.77 36.44 9.99
N PHE B 54 3.22 37.69 9.96
CA PHE B 54 4.34 38.07 9.10
C PHE B 54 5.64 37.82 9.84
N ALA B 55 6.46 36.92 9.32
CA ALA B 55 7.69 36.49 9.97
C ALA B 55 8.89 37.16 9.31
N HIS B 56 9.68 37.85 10.11
CA HIS B 56 10.85 38.62 9.65
C HIS B 56 12.08 38.00 10.30
N TYR B 57 12.84 37.24 9.52
CA TYR B 57 14.01 36.53 10.01
C TYR B 57 15.28 37.34 9.75
N VAL B 58 16.16 37.38 10.74
CA VAL B 58 17.50 37.95 10.58
C VAL B 58 18.49 36.96 11.18
N VAL B 59 19.38 36.44 10.36
CA VAL B 59 20.41 35.50 10.78
C VAL B 59 21.76 36.20 10.67
N THR B 60 22.47 36.28 11.79
CA THR B 60 23.73 37.03 11.87
C THR B 60 24.81 36.13 12.41
N SER B 61 25.93 36.05 11.68
CA SER B 61 27.08 35.25 12.08
C SER B 61 28.33 36.11 12.04
N GLN B 62 29.13 36.02 13.09
CA GLN B 62 30.40 36.74 13.17
C GLN B 62 31.52 35.71 13.32
N VAL B 63 32.41 35.66 12.34
CA VAL B 63 33.51 34.71 12.31
C VAL B 63 34.83 35.48 12.47
N VAL B 64 35.74 34.91 13.26
CA VAL B 64 37.01 35.54 13.57
C VAL B 64 38.13 34.61 13.13
N ASN B 65 39.07 35.14 12.35
CA ASN B 65 40.26 34.39 11.92
C ASN B 65 41.44 34.87 12.75
N THR B 66 41.84 34.06 13.73
CA THR B 66 42.97 34.42 14.59
C THR B 66 44.32 34.10 13.95
N ALA B 67 44.35 33.32 12.88
CA ALA B 67 45.60 32.98 12.23
C ALA B 67 46.20 34.22 11.55
N ASN B 68 47.52 34.21 11.39
CA ASN B 68 48.22 35.31 10.73
C ASN B 68 48.25 35.17 9.21
N GLU B 69 47.71 34.09 8.66
CA GLU B 69 47.55 33.94 7.22
C GLU B 69 46.06 33.96 6.87
N ALA B 70 45.77 33.89 5.58
CA ALA B 70 44.40 33.90 5.11
C ALA B 70 43.72 32.56 5.34
N ARG B 71 42.41 32.61 5.59
CA ARG B 71 41.61 31.42 5.87
C ARG B 71 40.30 31.49 5.08
N GLU B 72 39.78 30.32 4.74
CA GLU B 72 38.48 30.22 4.10
C GLU B 72 37.41 29.99 5.16
N VAL B 73 36.35 30.80 5.11
CA VAL B 73 35.25 30.69 6.06
C VAL B 73 33.95 30.50 5.29
N ALA B 74 32.97 29.92 5.97
CA ALA B 74 31.71 29.56 5.35
C ALA B 74 30.55 30.16 6.12
N PHE B 75 29.53 30.60 5.39
CA PHE B 75 28.24 31.01 5.94
C PHE B 75 27.19 30.12 5.29
N ASP B 76 26.65 29.18 6.08
CA ASP B 76 25.84 28.08 5.55
C ASP B 76 24.62 27.89 6.43
N LEU B 77 23.44 27.99 5.83
CA LEU B 77 22.19 27.84 6.56
C LEU B 77 21.10 27.39 5.61
N GLU B 78 20.00 26.92 6.18
CA GLU B 78 18.83 26.51 5.42
C GLU B 78 17.67 27.47 5.69
N ILE B 79 16.94 27.80 4.63
CA ILE B 79 15.79 28.69 4.75
C ILE B 79 14.60 28.03 4.06
N PRO B 80 13.39 28.41 4.43
CA PRO B 80 12.21 27.81 3.79
C PRO B 80 11.99 28.33 2.38
N LYS B 81 11.60 27.42 1.48
CA LYS B 81 11.27 27.81 0.12
C LYS B 81 10.18 28.89 0.08
N THR B 82 9.35 28.95 1.12
CA THR B 82 8.24 29.90 1.12
C THR B 82 8.70 31.33 1.36
N ALA B 83 9.92 31.53 1.85
CA ALA B 83 10.39 32.86 2.19
C ALA B 83 11.05 33.54 0.98
N PHE B 84 11.07 34.87 1.02
CA PHE B 84 11.82 35.69 0.08
C PHE B 84 13.00 36.32 0.81
N ILE B 85 14.20 36.13 0.27
CA ILE B 85 15.35 36.86 0.77
C ILE B 85 15.15 38.34 0.48
N SER B 86 15.35 39.18 1.50
CA SER B 86 15.14 40.61 1.37
C SER B 86 16.39 41.44 1.55
N ASP B 87 17.45 40.87 2.14
CA ASP B 87 18.71 41.57 2.34
C ASP B 87 19.80 40.57 2.65
N PHE B 88 21.02 40.90 2.22
CA PHE B 88 22.20 40.15 2.57
C PHE B 88 23.36 41.12 2.66
N ALA B 89 24.09 41.08 3.77
CA ALA B 89 25.18 42.01 4.01
C ALA B 89 26.38 41.25 4.56
N VAL B 90 27.56 41.63 4.10
CA VAL B 90 28.82 41.08 4.57
C VAL B 90 29.75 42.23 4.89
N THR B 91 30.29 42.25 6.10
CA THR B 91 31.18 43.31 6.56
C THR B 91 32.45 42.65 7.09
N ALA B 92 33.58 42.95 6.44
CA ALA B 92 34.88 42.39 6.81
C ALA B 92 35.76 43.54 7.28
N ASP B 93 35.90 43.68 8.60
CA ASP B 93 36.78 44.69 9.20
C ASP B 93 36.47 46.08 8.63
N GLY B 94 35.19 46.44 8.68
CA GLY B 94 34.74 47.71 8.15
C GLY B 94 34.47 47.73 6.67
N ASN B 95 35.04 46.81 5.90
CA ASN B 95 34.81 46.74 4.46
C ASN B 95 33.44 46.11 4.22
N ALA B 96 32.48 46.91 3.76
CA ALA B 96 31.09 46.50 3.70
C ALA B 96 30.69 46.09 2.30
N PHE B 97 29.89 45.03 2.22
CA PHE B 97 29.32 44.53 0.97
C PHE B 97 27.84 44.29 1.19
N ILE B 98 27.04 44.57 0.17
CA ILE B 98 25.58 44.43 0.27
C ILE B 98 25.06 43.84 -1.02
N GLY B 99 24.01 43.04 -0.91
CA GLY B 99 23.35 42.50 -2.08
C GLY B 99 22.45 43.54 -2.72
N ASP B 100 22.65 43.77 -4.00
CA ASP B 100 21.82 44.69 -4.78
C ASP B 100 20.84 43.87 -5.62
N ILE B 101 19.58 44.23 -5.55
CA ILE B 101 18.52 43.47 -6.21
C ILE B 101 18.36 43.97 -7.64
N LYS B 102 18.13 43.04 -8.57
CA LYS B 102 18.06 43.36 -9.98
C LYS B 102 17.17 42.38 -10.70
N ASP B 103 16.74 42.77 -11.90
CA ASP B 103 16.07 41.85 -12.80
C ASP B 103 16.97 40.65 -13.04
N LYS B 104 16.39 39.45 -12.98
CA LYS B 104 17.18 38.22 -13.08
C LYS B 104 18.02 38.19 -14.36
N VAL B 105 17.43 38.57 -15.48
CA VAL B 105 18.18 38.56 -16.75
C VAL B 105 19.43 39.41 -16.63
N THR B 106 19.32 40.60 -16.04
CA THR B 106 20.48 41.47 -15.88
C THR B 106 21.54 40.83 -15.00
N ALA B 107 21.11 40.19 -13.89
CA ALA B 107 22.06 39.63 -12.96
C ALA B 107 22.77 38.40 -13.53
N TRP B 108 22.13 37.70 -14.45
CA TRP B 108 22.68 36.47 -15.01
C TRP B 108 23.43 36.71 -16.32
N LYS B 109 23.60 37.97 -16.73
CA LYS B 109 24.38 38.24 -17.93
C LYS B 109 25.82 37.76 -17.77
N GLN B 110 26.36 37.80 -16.56
CA GLN B 110 27.70 37.29 -16.33
C GLN B 110 27.76 35.78 -16.51
N TYR B 111 26.63 35.09 -16.32
CA TYR B 111 26.60 33.65 -16.54
C TYR B 111 26.34 33.32 -18.00
N ARG B 112 25.65 34.20 -18.71
CA ARG B 112 25.38 33.99 -20.14
C ARG B 112 26.68 34.02 -20.93
N LYS B 113 27.49 35.07 -20.75
CA LYS B 113 28.73 35.22 -21.49
C LYS B 113 29.83 34.30 -20.99
N ALA B 114 29.62 33.63 -19.86
CA ALA B 114 30.61 32.74 -19.27
C ALA B 114 30.38 31.28 -19.62
N ALA B 115 29.23 30.93 -20.18
CA ALA B 115 28.87 29.53 -20.42
C ALA B 115 28.65 28.77 -19.12
N ILE B 116 28.48 29.49 -18.01
CA ILE B 116 28.33 28.89 -16.68
C ILE B 116 26.86 28.97 -16.28
N SER B 117 26.39 27.96 -15.56
CA SER B 117 24.99 27.92 -15.15
C SER B 117 24.77 28.75 -13.89
N GLY B 118 23.69 29.54 -13.90
CA GLY B 118 23.33 30.30 -12.72
C GLY B 118 22.87 29.44 -11.57
N GLU B 119 22.19 28.33 -11.86
CA GLU B 119 21.73 27.44 -10.81
C GLU B 119 22.90 26.86 -10.02
N ASN B 120 23.92 26.36 -10.73
CA ASN B 120 25.07 25.77 -10.05
C ASN B 120 25.93 26.81 -9.36
N ALA B 121 26.01 28.02 -9.92
CA ALA B 121 26.88 29.04 -9.35
C ALA B 121 26.21 29.80 -8.21
N GLY B 122 24.88 29.85 -8.20
CA GLY B 122 24.19 30.66 -7.21
C GLY B 122 24.48 30.22 -5.79
N LEU B 123 24.36 31.16 -4.86
CA LEU B 123 24.55 30.86 -3.46
C LEU B 123 23.42 30.02 -2.87
N VAL B 124 22.23 30.05 -3.50
CA VAL B 124 21.07 29.36 -2.99
C VAL B 124 20.73 28.22 -3.94
N ARG B 125 20.41 27.05 -3.38
CA ARG B 125 19.99 25.90 -4.15
C ARG B 125 18.96 25.12 -3.34
N ALA B 126 18.16 24.32 -4.05
CA ALA B 126 17.19 23.48 -3.39
C ALA B 126 17.92 22.39 -2.60
N SER B 127 17.42 22.10 -1.40
CA SER B 127 18.04 21.11 -0.53
C SER B 127 17.04 20.14 0.07
N GLY B 128 15.75 20.28 -0.21
CA GLY B 128 14.76 19.36 0.33
C GLY B 128 13.38 19.73 -0.14
N ARG B 129 12.39 19.04 0.43
CA ARG B 129 11.00 19.27 0.03
C ARG B 129 10.59 20.71 0.29
N THR B 130 10.93 21.25 1.46
CA THR B 130 10.43 22.55 1.88
C THR B 130 11.52 23.57 2.19
N MET B 131 12.79 23.23 2.01
CA MET B 131 13.89 24.10 2.40
C MET B 131 14.85 24.27 1.23
N GLU B 132 15.57 25.40 1.23
CA GLU B 132 16.64 25.64 0.29
C GLU B 132 17.90 26.02 1.07
N GLN B 133 19.05 25.79 0.44
CA GLN B 133 20.35 25.96 1.10
C GLN B 133 21.02 27.25 0.63
N PHE B 134 21.37 28.11 1.58
CA PHE B 134 22.17 29.31 1.32
C PHE B 134 23.60 29.03 1.78
N THR B 135 24.55 29.12 0.85
CA THR B 135 25.94 28.78 1.15
C THR B 135 26.87 29.74 0.42
N ILE B 136 27.80 30.33 1.16
CA ILE B 136 28.88 31.13 0.56
C ILE B 136 30.17 30.78 1.28
N HIS B 137 31.24 30.61 0.50
CA HIS B 137 32.58 30.39 1.03
C HIS B 137 33.45 31.58 0.64
N LEU B 138 34.10 32.19 1.64
CA LEU B 138 34.83 33.42 1.45
C LEU B 138 36.21 33.32 2.10
N THR B 139 37.24 33.69 1.35
CA THR B 139 38.59 33.78 1.91
C THR B 139 38.74 35.12 2.60
N VAL B 140 39.03 35.10 3.89
CA VAL B 140 39.12 36.31 4.69
C VAL B 140 40.58 36.62 4.96
N ASN B 141 40.84 37.89 5.29
CA ASN B 141 42.19 38.33 5.60
C ASN B 141 42.62 37.78 6.95
N PRO B 142 43.92 37.84 7.26
CA PRO B 142 44.37 37.42 8.59
C PRO B 142 43.88 38.36 9.68
N GLN B 143 43.76 37.82 10.89
CA GLN B 143 43.33 38.60 12.04
C GLN B 143 42.06 39.39 11.71
N SER B 144 41.13 38.72 11.03
CA SER B 144 39.96 39.36 10.45
C SER B 144 38.70 38.99 11.21
N LYS B 145 37.76 39.93 11.25
CA LYS B 145 36.44 39.73 11.82
C LYS B 145 35.42 39.97 10.72
N VAL B 146 34.66 38.94 10.37
CA VAL B 146 33.70 38.98 9.28
C VAL B 146 32.31 38.73 9.84
N THR B 147 31.35 39.56 9.46
CA THR B 147 29.98 39.44 9.91
C THR B 147 29.07 39.20 8.71
N PHE B 148 28.36 38.09 8.72
CA PHE B 148 27.33 37.79 7.72
C PHE B 148 25.97 38.08 8.31
N GLN B 149 25.08 38.65 7.49
CA GLN B 149 23.71 38.93 7.92
C GLN B 149 22.77 38.70 6.76
N LEU B 150 21.86 37.74 6.91
CA LEU B 150 20.87 37.41 5.89
C LEU B 150 19.48 37.68 6.44
N THR B 151 18.65 38.34 5.64
CA THR B 151 17.27 38.66 6.01
C THR B 151 16.33 38.00 5.02
N TYR B 152 15.30 37.34 5.53
CA TYR B 152 14.28 36.73 4.69
C TYR B 152 12.95 36.76 5.42
N GLU B 153 11.88 36.85 4.64
CA GLU B 153 10.55 37.12 5.19
C GLU B 153 9.53 36.19 4.55
N GLU B 154 8.46 35.91 5.29
CA GLU B 154 7.36 35.11 4.78
C GLU B 154 6.12 35.41 5.60
N VAL B 155 4.97 35.09 5.02
CA VAL B 155 3.70 35.12 5.74
C VAL B 155 3.39 33.69 6.15
N LEU B 156 3.40 33.42 7.45
CA LEU B 156 3.13 32.07 7.95
C LEU B 156 1.72 31.65 7.57
N LYS B 157 1.59 30.39 7.16
CA LYS B 157 0.32 29.82 6.74
C LYS B 157 -0.17 28.82 7.78
N ARG B 158 -1.46 28.89 8.11
CA ARG B 158 -2.04 28.02 9.11
C ARG B 158 -2.33 26.66 8.51
N ASN B 159 -1.92 25.61 9.23
CA ASN B 159 -2.28 24.25 8.84
C ASN B 159 -2.35 23.41 10.10
N HIS B 160 -3.44 22.65 10.23
CA HIS B 160 -3.65 21.78 11.38
C HIS B 160 -3.61 22.58 12.69
N MET B 161 -4.28 23.73 12.69
CA MET B 161 -4.53 24.51 13.89
C MET B 161 -3.26 25.10 14.49
N GLN B 162 -2.28 25.46 13.65
CA GLN B 162 -1.06 26.05 14.18
C GLN B 162 -0.26 26.68 13.04
N TYR B 163 0.62 27.60 13.43
CA TYR B 163 1.69 28.09 12.57
C TYR B 163 3.00 27.46 13.03
N GLU B 164 3.90 27.25 12.09
CA GLU B 164 5.16 26.56 12.38
C GLU B 164 6.33 27.37 11.86
N ILE B 165 7.30 27.61 12.74
CA ILE B 165 8.53 28.31 12.41
C ILE B 165 9.67 27.31 12.56
N VAL B 166 10.40 27.08 11.47
CA VAL B 166 11.46 26.08 11.41
C VAL B 166 12.78 26.78 11.19
N ILE B 167 13.74 26.53 12.08
CA ILE B 167 15.07 27.11 12.00
C ILE B 167 16.08 25.96 12.03
N LYS B 168 16.87 25.84 10.97
CA LYS B 168 17.87 24.79 10.88
C LYS B 168 19.09 25.21 11.69
N VAL B 169 19.44 24.42 12.70
CA VAL B 169 20.56 24.69 13.58
C VAL B 169 21.69 23.74 13.22
N LYS B 170 22.75 24.26 12.59
CA LYS B 170 23.87 23.42 12.23
C LYS B 170 25.16 24.19 12.05
N PRO B 171 25.74 24.73 13.13
CA PRO B 171 27.09 25.30 13.03
C PRO B 171 28.12 24.19 13.11
N LYS B 172 29.09 24.22 12.19
CA LYS B 172 30.12 23.18 12.16
C LYS B 172 31.10 23.28 13.31
N GLN B 173 30.88 24.20 14.25
CA GLN B 173 31.77 24.35 15.39
C GLN B 173 30.96 24.83 16.59
N LEU B 174 31.60 24.80 17.76
CA LEU B 174 31.03 25.44 18.93
C LEU B 174 30.98 26.95 18.73
N VAL B 175 29.92 27.58 19.24
CA VAL B 175 29.69 29.00 19.07
C VAL B 175 29.70 29.66 20.44
N HIS B 176 30.54 30.69 20.61
CA HIS B 176 30.64 31.37 21.89
C HIS B 176 29.30 31.96 22.32
N HIS B 177 28.61 32.63 21.39
CA HIS B 177 27.33 33.28 21.68
C HIS B 177 26.31 32.83 20.64
N PHE B 178 25.61 31.75 20.94
CA PHE B 178 24.54 31.24 20.10
C PHE B 178 23.19 31.64 20.68
N GLU B 179 22.27 32.08 19.82
CA GLU B 179 20.98 32.56 20.27
C GLU B 179 19.94 32.38 19.19
N ILE B 180 18.76 31.93 19.58
CA ILE B 180 17.56 32.00 18.75
C ILE B 180 16.52 32.78 19.55
N ASP B 181 16.02 33.87 18.97
CA ASP B 181 15.05 34.72 19.63
C ASP B 181 13.87 34.92 18.70
N VAL B 182 12.69 34.46 19.12
CA VAL B 182 11.46 34.59 18.36
C VAL B 182 10.53 35.51 19.15
N ASP B 183 10.14 36.62 18.53
CA ASP B 183 9.28 37.63 19.16
C ASP B 183 7.98 37.68 18.36
N ILE B 184 6.89 37.26 18.99
CA ILE B 184 5.59 37.15 18.34
C ILE B 184 4.68 38.22 18.90
N PHE B 185 3.96 38.91 18.01
CA PHE B 185 2.97 39.90 18.41
C PHE B 185 1.71 39.66 17.58
N GLU B 186 0.65 39.20 18.24
CA GLU B 186 -0.62 38.89 17.57
C GLU B 186 -1.74 39.71 18.17
N PRO B 187 -2.33 40.65 17.45
CA PRO B 187 -3.43 41.45 18.02
C PRO B 187 -4.53 40.62 18.66
N GLN B 188 -4.91 39.49 18.05
CA GLN B 188 -5.99 38.68 18.58
C GLN B 188 -5.59 37.93 19.85
N GLY B 189 -4.30 37.84 20.17
CA GLY B 189 -3.85 37.12 21.33
C GLY B 189 -3.37 35.73 20.98
N ILE B 190 -2.36 35.27 21.72
CA ILE B 190 -1.75 33.97 21.48
C ILE B 190 -2.45 32.93 22.35
N SER B 191 -2.97 31.87 21.72
CA SER B 191 -3.67 30.83 22.44
C SER B 191 -2.74 29.71 22.91
N LYS B 192 -1.66 29.46 22.19
CA LYS B 192 -0.70 28.44 22.58
C LYS B 192 0.64 28.75 21.95
N LEU B 193 1.70 28.24 22.58
CA LEU B 193 3.07 28.46 22.11
C LEU B 193 3.91 27.27 22.54
N ASP B 194 4.68 26.73 21.60
CA ASP B 194 5.55 25.60 21.90
C ASP B 194 6.85 25.74 21.13
N ALA B 195 7.93 25.24 21.72
CA ALA B 195 9.24 25.25 21.10
C ALA B 195 9.91 23.93 21.40
N GLN B 196 10.27 23.19 20.35
CA GLN B 196 10.84 21.85 20.49
C GLN B 196 12.19 21.81 19.80
N ALA B 197 13.18 21.23 20.47
CA ALA B 197 14.51 20.99 19.90
C ALA B 197 14.84 19.53 20.17
N SER B 198 14.66 18.67 19.15
CA SER B 198 14.86 17.25 19.33
C SER B 198 16.34 16.89 19.50
N PHE B 199 17.24 17.67 18.89
CA PHE B 199 18.66 17.35 19.00
C PHE B 199 19.18 17.51 20.41
N LEU B 200 18.43 18.19 21.29
CA LEU B 200 18.79 18.28 22.70
C LEU B 200 18.05 17.19 23.47
N PRO B 201 18.69 16.49 24.41
CA PRO B 201 17.93 15.62 25.30
C PRO B 201 16.85 16.40 26.04
N LYS B 202 15.76 15.71 26.38
CA LYS B 202 14.62 16.37 26.99
C LYS B 202 15.02 17.21 28.20
N GLU B 203 15.97 16.70 28.99
CA GLU B 203 16.39 17.43 30.19
C GLU B 203 17.14 18.71 29.81
N LEU B 204 18.00 18.65 28.79
CA LEU B 204 18.77 19.83 28.41
C LEU B 204 17.86 20.89 27.80
N ALA B 205 16.86 20.48 27.03
CA ALA B 205 15.95 21.44 26.42
C ALA B 205 15.19 22.24 27.49
N ALA B 206 14.83 21.58 28.59
CA ALA B 206 14.05 22.26 29.62
C ALA B 206 14.82 23.42 30.22
N GLN B 207 16.07 23.18 30.63
CA GLN B 207 16.87 24.23 31.23
C GLN B 207 17.22 25.32 30.23
N THR B 208 17.28 24.97 28.95
CA THR B 208 17.84 25.85 27.93
C THR B 208 16.80 26.61 27.12
N ILE B 209 15.60 26.06 26.92
CA ILE B 209 14.57 26.73 26.14
C ILE B 209 13.67 27.49 27.11
N LYS B 210 13.67 28.82 27.00
CA LYS B 210 12.78 29.68 27.76
C LYS B 210 11.66 30.16 26.84
N LYS B 211 10.42 29.93 27.24
CA LYS B 211 9.27 30.32 26.44
C LYS B 211 8.17 30.84 27.36
N SER B 212 7.37 31.75 26.82
CA SER B 212 6.25 32.32 27.57
C SER B 212 5.41 33.16 26.60
N PHE B 213 4.16 33.36 26.98
CA PHE B 213 3.26 34.21 26.21
C PHE B 213 2.16 34.72 27.11
N SER B 214 1.73 35.96 26.86
CA SER B 214 0.65 36.57 27.63
C SER B 214 -0.03 37.61 26.77
N GLY B 215 -1.33 37.45 26.56
CA GLY B 215 -2.07 38.39 25.74
C GLY B 215 -1.57 38.34 24.31
N LYS B 216 -1.08 39.47 23.83
CA LYS B 216 -0.64 39.62 22.44
C LYS B 216 0.81 39.23 22.22
N LYS B 217 1.59 39.04 23.28
CA LYS B 217 3.03 38.85 23.16
C LYS B 217 3.43 37.41 23.44
N GLY B 218 4.33 36.89 22.61
CA GLY B 218 4.93 35.60 22.84
C GLY B 218 6.43 35.69 22.62
N HIS B 219 7.16 34.88 23.37
CA HIS B 219 8.62 34.97 23.36
C HIS B 219 9.22 33.57 23.51
N VAL B 220 10.22 33.27 22.70
CA VAL B 220 11.01 32.05 22.80
C VAL B 220 12.48 32.44 22.76
N LEU B 221 13.25 31.98 23.74
CA LEU B 221 14.66 32.33 23.86
C LEU B 221 15.47 31.06 24.04
N PHE B 222 16.44 30.86 23.15
CA PHE B 222 17.31 29.69 23.16
C PHE B 222 18.74 30.18 23.15
N ARG B 223 19.44 30.03 24.28
CA ARG B 223 20.74 30.68 24.50
C ARG B 223 21.69 29.70 25.16
N PRO B 224 22.02 28.59 24.49
CA PRO B 224 22.88 27.57 25.11
C PRO B 224 24.31 28.08 25.23
N THR B 225 24.90 27.87 26.40
CA THR B 225 26.33 28.14 26.57
C THR B 225 27.13 27.11 25.79
N VAL B 226 28.41 27.41 25.60
CA VAL B 226 29.28 26.47 24.88
C VAL B 226 29.31 25.13 25.59
N SER B 227 29.30 25.15 26.93
CA SER B 227 29.23 23.89 27.68
C SER B 227 27.96 23.13 27.35
N GLN B 228 26.83 23.83 27.26
CA GLN B 228 25.58 23.17 26.88
C GLN B 228 25.59 22.73 25.43
N GLN B 229 26.43 23.35 24.59
CA GLN B 229 26.60 22.85 23.23
C GLN B 229 27.48 21.61 23.21
N GLN B 230 28.35 21.46 24.21
CA GLN B 230 29.26 20.33 24.26
C GLN B 230 28.50 19.07 24.66
N SER B 231 28.83 17.95 23.99
CA SER B 231 28.24 16.68 24.38
C SER B 231 28.66 16.29 25.78
N CYS B 232 29.94 16.43 26.09
CA CYS B 232 30.49 16.13 27.40
C CYS B 232 31.32 17.31 27.90
N PRO B 233 31.51 17.42 29.22
CA PRO B 233 32.33 18.53 29.75
C PRO B 233 33.66 18.72 29.05
N THR B 234 34.22 17.68 28.45
CA THR B 234 35.55 17.75 27.86
C THR B 234 35.55 17.21 26.44
N CYS B 235 34.46 17.40 25.70
CA CYS B 235 34.37 17.03 24.30
C CYS B 235 34.18 18.29 23.46
N SER B 236 34.61 18.21 22.20
CA SER B 236 34.65 19.39 21.34
C SER B 236 33.45 19.54 20.44
N THR B 237 32.86 18.43 19.97
CA THR B 237 31.74 18.50 19.06
C THR B 237 30.51 19.12 19.74
N SER B 238 29.68 19.78 18.94
CA SER B 238 28.51 20.48 19.42
C SER B 238 27.25 19.69 19.10
N LEU B 239 26.31 19.68 20.05
CA LEU B 239 25.03 19.01 19.85
C LEU B 239 24.14 19.75 18.88
N LEU B 240 24.51 20.98 18.50
CA LEU B 240 23.66 21.83 17.65
C LEU B 240 23.62 21.27 16.24
N ASN B 241 22.84 20.20 16.07
CA ASN B 241 22.60 19.62 14.74
C ASN B 241 21.16 19.14 14.69
N GLY B 242 20.30 19.88 14.00
CA GLY B 242 18.90 19.49 13.90
C GLY B 242 18.04 20.69 13.52
N HIS B 243 16.79 20.65 13.98
CA HIS B 243 15.81 21.68 13.66
C HIS B 243 15.24 22.25 14.96
N PHE B 244 15.09 23.57 14.99
CA PHE B 244 14.47 24.28 16.11
C PHE B 244 13.10 24.75 15.65
N LYS B 245 12.04 24.12 16.17
CA LYS B 245 10.68 24.37 15.72
C LYS B 245 9.92 25.14 16.78
N VAL B 246 9.29 26.24 16.37
CA VAL B 246 8.39 27.01 17.22
C VAL B 246 7.01 26.97 16.59
N THR B 247 6.01 26.54 17.36
CA THR B 247 4.63 26.49 16.91
C THR B 247 3.77 27.35 17.81
N TYR B 248 2.70 27.91 17.24
CA TYR B 248 1.79 28.73 18.01
C TYR B 248 0.48 28.86 17.23
N ASP B 249 -0.51 29.46 17.88
CA ASP B 249 -1.75 29.82 17.22
C ASP B 249 -2.36 31.00 17.97
N VAL B 250 -3.32 31.67 17.33
CA VAL B 250 -3.95 32.84 17.91
C VAL B 250 -5.35 32.46 18.36
N SER B 251 -5.85 33.21 19.34
CA SER B 251 -7.21 33.01 19.83
C SER B 251 -8.21 33.26 18.71
N ARG B 252 -9.21 32.37 18.62
CA ARG B 252 -10.23 32.45 17.60
C ARG B 252 -11.61 32.73 18.18
N ASP B 253 -11.67 33.17 19.44
CA ASP B 253 -12.95 33.56 20.03
C ASP B 253 -13.58 34.71 19.26
N LYS B 254 -12.77 35.69 18.85
CA LYS B 254 -13.25 36.85 18.11
C LYS B 254 -13.18 36.53 16.62
N ILE B 255 -14.36 36.43 15.98
CA ILE B 255 -14.43 35.97 14.61
C ILE B 255 -13.89 37.00 13.63
N CYS B 256 -13.81 38.27 14.02
CA CYS B 256 -13.31 39.34 13.16
C CYS B 256 -11.84 39.60 13.51
N ASP B 257 -10.97 39.42 12.52
CA ASP B 257 -9.53 39.71 12.66
C ASP B 257 -9.11 40.62 11.51
N LEU B 258 -9.51 41.88 11.59
CA LEU B 258 -9.25 42.87 10.56
C LEU B 258 -8.21 43.85 11.08
N LEU B 259 -7.05 43.86 10.42
CA LEU B 259 -5.91 44.67 10.85
C LEU B 259 -5.62 45.72 9.78
N VAL B 260 -5.72 46.99 10.14
CA VAL B 260 -5.49 48.10 9.23
C VAL B 260 -4.37 48.96 9.78
N ALA B 261 -3.43 49.34 8.91
CA ALA B 261 -2.29 50.16 9.33
C ALA B 261 -1.71 50.84 8.10
N ASN B 262 -1.82 52.18 8.07
CA ASN B 262 -1.18 53.01 7.04
C ASN B 262 -1.57 52.56 5.63
N ASN B 263 -2.87 52.62 5.36
CA ASN B 263 -3.42 52.38 4.02
C ASN B 263 -3.20 50.95 3.54
N HIS B 264 -2.92 50.02 4.45
CA HIS B 264 -2.85 48.61 4.10
C HIS B 264 -3.55 47.81 5.18
N PHE B 265 -4.18 46.70 4.78
CA PHE B 265 -4.92 45.88 5.72
C PHE B 265 -4.64 44.41 5.48
N ALA B 266 -4.83 43.63 6.53
CA ALA B 266 -4.77 42.17 6.47
C ALA B 266 -5.99 41.63 7.20
N HIS B 267 -6.70 40.71 6.55
CA HIS B 267 -7.94 40.15 7.08
C HIS B 267 -7.77 38.65 7.21
N PHE B 268 -7.83 38.15 8.44
CA PHE B 268 -7.68 36.73 8.74
C PHE B 268 -9.05 36.16 9.10
N PHE B 269 -9.43 35.08 8.43
CA PHE B 269 -10.78 34.51 8.56
C PHE B 269 -10.65 33.02 8.82
N ALA B 270 -11.07 32.59 10.00
CA ALA B 270 -11.06 31.17 10.36
C ALA B 270 -12.06 30.93 11.49
N PRO B 271 -13.36 30.95 11.19
CA PRO B 271 -14.35 30.74 12.26
C PRO B 271 -14.17 29.39 12.93
N GLN B 272 -14.39 29.37 14.24
CA GLN B 272 -14.27 28.17 15.04
C GLN B 272 -15.65 27.67 15.47
N ASN B 273 -15.68 26.45 15.98
CA ASN B 273 -16.89 25.83 16.51
C ASN B 273 -17.96 25.62 15.44
N LEU B 274 -17.57 25.55 14.18
CA LEU B 274 -18.51 25.21 13.12
C LEU B 274 -18.62 23.70 12.98
N THR B 275 -19.80 23.25 12.54
CA THR B 275 -20.05 21.83 12.36
C THR B 275 -19.49 21.34 11.03
N ASN B 276 -18.82 20.19 11.06
CA ASN B 276 -18.30 19.58 9.84
C ASN B 276 -19.42 19.38 8.82
N MET B 277 -19.18 19.84 7.60
CA MET B 277 -20.10 19.60 6.50
C MET B 277 -19.93 18.19 5.97
N ASN B 278 -21.04 17.56 5.61
CA ASN B 278 -20.97 16.33 4.83
C ASN B 278 -20.43 16.65 3.45
N LYS B 279 -19.60 15.73 2.91
CA LYS B 279 -18.91 15.98 1.67
C LYS B 279 -19.08 14.81 0.72
N ASN B 280 -18.99 15.12 -0.57
CA ASN B 280 -18.95 14.13 -1.65
C ASN B 280 -17.55 14.15 -2.25
N VAL B 281 -16.82 13.05 -2.12
CA VAL B 281 -15.43 12.97 -2.55
C VAL B 281 -15.29 11.85 -3.56
N VAL B 282 -14.67 12.16 -4.71
CA VAL B 282 -14.34 11.17 -5.72
C VAL B 282 -12.84 11.20 -5.92
N PHE B 283 -12.22 10.03 -5.86
CA PHE B 283 -10.78 9.89 -6.07
C PHE B 283 -10.53 9.34 -7.47
N VAL B 284 -9.70 10.03 -8.23
CA VAL B 284 -9.33 9.64 -9.59
C VAL B 284 -7.86 9.21 -9.55
N ILE B 285 -7.62 7.92 -9.66
CA ILE B 285 -6.31 7.33 -9.39
C ILE B 285 -5.76 6.74 -10.69
N ALA B 286 -4.51 7.07 -10.99
CA ALA B 286 -3.84 6.51 -12.15
C ALA B 286 -3.38 5.09 -11.86
N ILE B 287 -3.72 4.16 -12.75
CA ILE B 287 -3.29 2.78 -12.60
C ILE B 287 -2.47 2.40 -13.83
N SER B 288 -1.65 3.33 -14.29
CA SER B 288 -0.76 3.07 -15.42
C SER B 288 0.33 2.08 -15.02
N GLY B 289 0.93 1.46 -16.04
CA GLY B 289 2.01 0.52 -15.80
C GLY B 289 3.18 1.14 -15.05
N SER B 290 3.38 2.44 -15.21
CA SER B 290 4.46 3.13 -14.51
C SER B 290 4.29 3.08 -13.00
N MET B 291 3.07 2.88 -12.50
CA MET B 291 2.83 2.79 -11.07
C MET B 291 3.39 1.52 -10.45
N ARG B 292 3.98 0.63 -11.24
CA ARG B 292 4.46 -0.65 -10.74
C ARG B 292 5.47 -0.45 -9.62
N GLY B 293 5.31 -1.21 -8.54
CA GLY B 293 6.27 -1.18 -7.44
C GLY B 293 5.73 -0.41 -6.24
N GLN B 294 6.55 0.49 -5.72
CA GLN B 294 6.20 1.20 -4.49
C GLN B 294 4.99 2.11 -4.68
N LYS B 295 4.90 2.76 -5.85
CA LYS B 295 3.87 3.77 -6.05
C LYS B 295 2.47 3.17 -5.89
N VAL B 296 2.17 2.11 -6.64
CA VAL B 296 0.85 1.49 -6.53
C VAL B 296 0.64 0.95 -5.12
N LYS B 297 1.69 0.38 -4.53
CA LYS B 297 1.58 -0.13 -3.16
C LYS B 297 1.25 1.00 -2.19
N GLN B 298 2.03 2.07 -2.22
CA GLN B 298 1.80 3.20 -1.32
C GLN B 298 0.47 3.88 -1.59
N THR B 299 0.05 3.93 -2.86
CA THR B 299 -1.26 4.52 -3.18
C THR B 299 -2.38 3.71 -2.56
N LYS B 300 -2.35 2.39 -2.73
CA LYS B 300 -3.38 1.54 -2.15
C LYS B 300 -3.44 1.69 -0.64
N GLU B 301 -2.27 1.68 0.02
CA GLU B 301 -2.25 1.83 1.47
C GLU B 301 -2.90 3.13 1.92
N ALA B 302 -2.61 4.23 1.21
CA ALA B 302 -3.19 5.52 1.59
C ALA B 302 -4.71 5.52 1.39
N LEU B 303 -5.20 4.95 0.29
CA LEU B 303 -6.63 4.94 0.04
C LEU B 303 -7.37 4.13 1.10
N LEU B 304 -6.81 2.99 1.53
CA LEU B 304 -7.44 2.19 2.57
C LEU B 304 -7.60 3.02 3.85
N LYS B 305 -6.54 3.73 4.26
CA LYS B 305 -6.61 4.52 5.48
C LYS B 305 -7.55 5.71 5.31
N ILE B 306 -7.50 6.38 4.16
CA ILE B 306 -8.39 7.52 3.91
C ILE B 306 -9.84 7.06 3.92
N LEU B 307 -10.14 5.98 3.21
CA LEU B 307 -11.50 5.44 3.23
C LEU B 307 -11.93 5.09 4.64
N GLY B 308 -10.99 4.65 5.48
CA GLY B 308 -11.33 4.27 6.84
C GLY B 308 -11.74 5.45 7.70
N ASP B 309 -11.27 6.64 7.36
CA ASP B 309 -11.59 7.85 8.11
C ASP B 309 -12.80 8.59 7.57
N MET B 310 -13.43 8.07 6.52
CA MET B 310 -14.61 8.72 5.97
C MET B 310 -15.72 8.72 7.02
N GLN B 311 -16.51 9.83 7.06
CA GLN B 311 -17.54 9.96 8.08
C GLN B 311 -18.87 9.40 7.60
N PRO B 312 -19.73 8.94 8.51
CA PRO B 312 -20.97 8.27 8.08
C PRO B 312 -21.82 9.10 7.13
N GLY B 313 -21.80 10.43 7.28
CA GLY B 313 -22.63 11.30 6.44
C GLY B 313 -22.06 11.59 5.07
N ASP B 314 -20.83 11.17 4.80
CA ASP B 314 -20.19 11.48 3.53
C ASP B 314 -20.64 10.49 2.44
N TYR B 315 -20.41 10.89 1.20
CA TYR B 315 -20.63 10.05 0.03
C TYR B 315 -19.36 10.07 -0.81
N PHE B 316 -19.15 9.01 -1.58
CA PHE B 316 -17.88 8.88 -2.29
C PHE B 316 -18.01 7.88 -3.44
N ASP B 317 -17.01 7.91 -4.31
CA ASP B 317 -16.82 6.90 -5.34
C ASP B 317 -15.34 6.90 -5.71
N LEU B 318 -14.92 5.89 -6.46
CA LEU B 318 -13.53 5.74 -6.87
C LEU B 318 -13.46 5.54 -8.37
N VAL B 319 -12.50 6.22 -9.01
CA VAL B 319 -12.27 6.12 -10.44
C VAL B 319 -10.80 5.77 -10.66
N LEU B 320 -10.56 4.70 -11.41
CA LEU B 320 -9.22 4.32 -11.84
C LEU B 320 -9.10 4.57 -13.33
N PHE B 321 -7.94 5.05 -13.78
CA PHE B 321 -7.73 5.30 -15.20
C PHE B 321 -6.35 4.79 -15.61
N GLY B 322 -6.34 3.83 -16.52
CA GLY B 322 -5.16 3.46 -17.27
C GLY B 322 -5.42 3.72 -18.74
N THR B 323 -5.22 2.71 -19.58
CA THR B 323 -5.70 2.81 -20.95
C THR B 323 -7.22 2.92 -20.99
N ARG B 324 -7.88 2.26 -20.05
CA ARG B 324 -9.33 2.29 -19.92
C ARG B 324 -9.73 2.99 -18.62
N VAL B 325 -10.92 3.55 -18.61
CA VAL B 325 -11.45 4.24 -17.44
C VAL B 325 -12.39 3.29 -16.71
N GLN B 326 -12.29 3.25 -15.38
CA GLN B 326 -13.01 2.27 -14.59
C GLN B 326 -13.40 2.90 -13.25
N SER B 327 -14.68 2.80 -12.91
CA SER B 327 -15.21 3.35 -11.67
C SER B 327 -15.74 2.25 -10.77
N TRP B 328 -15.56 2.41 -9.46
CA TRP B 328 -15.96 1.38 -8.51
C TRP B 328 -17.47 1.17 -8.52
N LYS B 329 -18.24 2.23 -8.28
CA LYS B 329 -19.69 2.17 -8.28
C LYS B 329 -20.35 2.89 -9.45
N GLY B 330 -19.70 3.91 -10.00
CA GLY B 330 -20.32 4.72 -11.03
C GLY B 330 -21.27 5.78 -10.50
N SER B 331 -21.40 5.90 -9.17
CA SER B 331 -22.24 6.93 -8.58
C SER B 331 -21.84 7.09 -7.12
N LEU B 332 -22.14 8.26 -6.56
CA LEU B 332 -21.85 8.52 -5.16
C LEU B 332 -22.71 7.63 -4.26
N VAL B 333 -22.05 6.89 -3.37
CA VAL B 333 -22.71 6.06 -2.38
C VAL B 333 -22.31 6.52 -0.99
N GLN B 334 -23.18 6.26 -0.01
CA GLN B 334 -22.93 6.73 1.34
C GLN B 334 -21.76 5.98 1.96
N ALA B 335 -21.05 6.66 2.86
CA ALA B 335 -19.88 6.10 3.49
C ALA B 335 -20.27 5.18 4.63
N SER B 336 -21.12 4.19 4.36
CA SER B 336 -21.48 3.21 5.36
C SER B 336 -20.33 2.23 5.58
N GLU B 337 -20.41 1.50 6.70
CA GLU B 337 -19.40 0.48 6.97
C GLU B 337 -19.32 -0.53 5.84
N ALA B 338 -20.47 -0.96 5.32
CA ALA B 338 -20.47 -1.93 4.24
C ALA B 338 -19.85 -1.35 2.97
N ASN B 339 -20.29 -0.15 2.58
CA ASN B 339 -19.75 0.47 1.37
C ASN B 339 -18.26 0.74 1.51
N LEU B 340 -17.82 1.18 2.67
CA LEU B 340 -16.40 1.46 2.87
C LEU B 340 -15.58 0.18 2.78
N GLN B 341 -16.05 -0.91 3.39
CA GLN B 341 -15.33 -2.18 3.30
C GLN B 341 -15.33 -2.71 1.88
N ALA B 342 -16.46 -2.59 1.18
CA ALA B 342 -16.52 -3.04 -0.21
C ALA B 342 -15.57 -2.22 -1.08
N ALA B 343 -15.49 -0.91 -0.83
CA ALA B 343 -14.56 -0.06 -1.57
C ALA B 343 -13.12 -0.40 -1.22
N GLN B 344 -12.83 -0.62 0.07
CA GLN B 344 -11.49 -1.00 0.48
C GLN B 344 -11.06 -2.29 -0.21
N ASP B 345 -11.96 -3.26 -0.31
CA ASP B 345 -11.65 -4.51 -1.00
C ASP B 345 -11.32 -4.26 -2.47
N PHE B 346 -12.07 -3.37 -3.11
CA PHE B 346 -11.79 -3.04 -4.52
C PHE B 346 -10.41 -2.42 -4.66
N VAL B 347 -10.00 -1.61 -3.68
CA VAL B 347 -8.68 -0.99 -3.74
C VAL B 347 -7.58 -2.05 -3.67
N ARG B 348 -7.72 -3.00 -2.75
CA ARG B 348 -6.70 -4.03 -2.60
CA ARG B 348 -6.70 -4.03 -2.60
C ARG B 348 -6.54 -4.87 -3.86
N GLY B 349 -7.62 -5.05 -4.62
CA GLY B 349 -7.63 -6.00 -5.72
C GLY B 349 -7.21 -5.51 -7.09
N PHE B 350 -7.39 -4.22 -7.38
CA PHE B 350 -7.21 -3.77 -8.77
C PHE B 350 -5.76 -3.95 -9.21
N SER B 351 -5.59 -4.14 -10.52
CA SER B 351 -4.28 -4.27 -11.13
C SER B 351 -4.10 -3.17 -12.18
N LEU B 352 -2.85 -2.96 -12.57
CA LEU B 352 -2.52 -1.86 -13.46
C LEU B 352 -3.01 -2.15 -14.88
N ASP B 353 -3.10 -1.09 -15.70
CA ASP B 353 -3.70 -1.18 -17.03
C ASP B 353 -2.96 -0.28 -18.02
N GLU B 354 -1.66 -0.55 -18.17
CA GLU B 354 -0.86 0.01 -19.27
C GLU B 354 -0.80 1.53 -19.28
N ALA B 355 -1.54 2.17 -20.19
CA ALA B 355 -1.36 3.57 -20.52
C ALA B 355 -2.02 4.49 -19.48
N THR B 356 -2.21 5.76 -19.83
CA THR B 356 -2.70 6.77 -18.88
C THR B 356 -3.73 7.63 -19.62
N ASN B 357 -5.01 7.31 -19.45
CA ASN B 357 -6.10 8.11 -20.01
C ASN B 357 -6.55 9.10 -18.94
N LEU B 358 -5.75 10.17 -18.78
CA LEU B 358 -6.02 11.15 -17.73
C LEU B 358 -7.28 11.96 -18.05
N ASN B 359 -7.46 12.34 -19.31
CA ASN B 359 -8.66 13.08 -19.68
C ASN B 359 -9.92 12.28 -19.40
N GLY B 360 -9.94 11.01 -19.81
CA GLY B 360 -11.10 10.17 -19.54
C GLY B 360 -11.33 9.96 -18.06
N GLY B 361 -10.25 9.78 -17.30
CA GLY B 361 -10.40 9.58 -15.87
C GLY B 361 -11.00 10.78 -15.16
N LEU B 362 -10.50 11.97 -15.49
CA LEU B 362 -11.01 13.19 -14.86
C LEU B 362 -12.47 13.41 -15.24
N LEU B 363 -12.80 13.29 -16.52
CA LEU B 363 -14.16 13.53 -16.96
C LEU B 363 -15.14 12.55 -16.32
N ARG B 364 -14.68 11.34 -16.01
CA ARG B 364 -15.54 10.36 -15.34
C ARG B 364 -15.82 10.78 -13.91
N GLY B 365 -14.78 11.17 -13.16
CA GLY B 365 -14.98 11.64 -11.81
C GLY B 365 -15.86 12.88 -11.76
N ILE B 366 -15.70 13.78 -12.72
CA ILE B 366 -16.52 14.99 -12.76
C ILE B 366 -17.97 14.63 -13.06
N GLU B 367 -18.19 13.68 -13.97
CA GLU B 367 -19.55 13.25 -14.28
C GLU B 367 -20.24 12.67 -13.05
N ILE B 368 -19.50 11.90 -12.24
CA ILE B 368 -20.09 11.31 -11.04
C ILE B 368 -20.50 12.40 -10.06
N LEU B 369 -19.59 13.34 -9.78
CA LEU B 369 -19.93 14.43 -8.88
C LEU B 369 -21.07 15.28 -9.43
N ASN B 370 -21.13 15.45 -10.75
CA ASN B 370 -22.15 16.28 -11.36
C ASN B 370 -23.52 15.59 -11.43
N GLN B 371 -23.58 14.27 -11.18
CA GLN B 371 -24.89 13.63 -11.08
C GLN B 371 -25.75 14.31 -10.02
N VAL B 372 -25.11 14.86 -8.98
CA VAL B 372 -25.85 15.53 -7.90
C VAL B 372 -26.71 16.67 -8.43
N GLN B 373 -26.33 17.25 -9.58
CA GLN B 373 -27.10 18.37 -10.12
C GLN B 373 -28.49 17.91 -10.58
N GLU B 374 -28.56 16.76 -11.25
CA GLU B 374 -29.83 16.22 -11.72
C GLU B 374 -30.21 15.01 -10.86
N SER B 375 -29.46 13.92 -10.96
CA SER B 375 -29.73 12.76 -10.13
C SER B 375 -29.28 13.05 -8.70
N LEU B 376 -29.69 12.18 -7.77
CA LEU B 376 -29.39 12.32 -6.34
C LEU B 376 -29.39 13.80 -5.93
N PRO B 377 -30.52 14.50 -6.08
CA PRO B 377 -30.54 15.92 -5.69
C PRO B 377 -30.42 16.15 -4.20
N GLU B 378 -30.63 15.11 -3.38
CA GLU B 378 -30.54 15.25 -1.93
C GLU B 378 -29.11 15.49 -1.45
N LEU B 379 -28.10 15.33 -2.29
CA LEU B 379 -26.71 15.55 -1.93
C LEU B 379 -26.20 16.93 -2.34
N SER B 380 -27.06 17.78 -2.87
CA SER B 380 -26.60 19.05 -3.44
C SER B 380 -26.01 19.98 -2.39
N ASN B 381 -26.43 19.84 -1.13
CA ASN B 381 -25.94 20.73 -0.08
C ASN B 381 -24.61 20.30 0.51
N HIS B 382 -24.10 19.12 0.14
CA HIS B 382 -22.78 18.70 0.60
C HIS B 382 -21.69 19.49 -0.12
N ALA B 383 -20.51 19.54 0.51
CA ALA B 383 -19.32 20.10 -0.13
C ALA B 383 -18.65 19.02 -0.96
N SER B 384 -18.50 19.27 -2.26
CA SER B 384 -17.89 18.30 -3.15
C SER B 384 -16.39 18.56 -3.30
N ILE B 385 -15.65 17.46 -3.47
CA ILE B 385 -14.20 17.50 -3.60
C ILE B 385 -13.77 16.44 -4.61
N LEU B 386 -12.87 16.83 -5.51
CA LEU B 386 -12.32 15.91 -6.50
C LEU B 386 -10.81 15.89 -6.35
N ILE B 387 -10.25 14.70 -6.12
CA ILE B 387 -8.83 14.50 -5.94
C ILE B 387 -8.33 13.56 -7.04
N MET B 388 -7.25 13.96 -7.71
CA MET B 388 -6.66 13.15 -8.78
C MET B 388 -5.19 12.91 -8.47
N LEU B 389 -4.75 11.67 -8.66
CA LEU B 389 -3.37 11.26 -8.42
C LEU B 389 -2.81 10.63 -9.69
N THR B 390 -1.61 11.06 -10.07
CA THR B 390 -0.98 10.54 -11.28
C THR B 390 0.53 10.63 -11.14
N ASP B 391 1.22 9.67 -11.75
CA ASP B 391 2.68 9.66 -11.78
C ASP B 391 3.23 9.96 -13.16
N GLY B 392 2.37 10.26 -14.14
CA GLY B 392 2.83 10.51 -15.49
C GLY B 392 1.84 11.38 -16.24
N ASP B 393 2.20 11.71 -17.47
CA ASP B 393 1.40 12.58 -18.32
C ASP B 393 0.40 11.76 -19.13
N PRO B 394 -0.64 12.40 -19.65
CA PRO B 394 -1.64 11.66 -20.46
C PRO B 394 -1.03 11.10 -21.74
N THR B 395 -1.30 9.81 -21.98
CA THR B 395 -0.83 9.15 -23.19
C THR B 395 -1.92 8.40 -23.94
N GLU B 396 -3.14 8.32 -23.41
CA GLU B 396 -4.23 7.62 -24.06
C GLU B 396 -5.41 8.57 -24.22
N GLY B 397 -6.08 8.47 -25.36
CA GLY B 397 -7.23 9.34 -25.62
C GLY B 397 -6.79 10.74 -25.95
N VAL B 398 -7.42 11.72 -25.30
CA VAL B 398 -7.08 13.13 -25.52
C VAL B 398 -5.78 13.44 -24.78
N THR B 399 -4.73 13.77 -25.53
CA THR B 399 -3.43 14.08 -24.96
C THR B 399 -3.00 15.53 -25.16
N ASP B 400 -3.75 16.31 -25.92
CA ASP B 400 -3.48 17.74 -26.05
C ASP B 400 -3.74 18.42 -24.72
N ARG B 401 -2.66 18.88 -24.08
CA ARG B 401 -2.77 19.44 -22.73
C ARG B 401 -3.77 20.60 -22.71
N SER B 402 -3.72 21.47 -23.72
CA SER B 402 -4.62 22.61 -23.75
C SER B 402 -6.08 22.16 -23.85
N GLN B 403 -6.34 21.11 -24.63
CA GLN B 403 -7.71 20.61 -24.77
C GLN B 403 -8.23 20.04 -23.45
N ILE B 404 -7.38 19.29 -22.73
CA ILE B 404 -7.81 18.70 -21.46
C ILE B 404 -8.22 19.80 -20.49
N LEU B 405 -7.39 20.85 -20.39
CA LEU B 405 -7.72 21.98 -19.53
C LEU B 405 -9.11 22.53 -19.88
N LYS B 406 -9.39 22.70 -21.17
CA LYS B 406 -10.70 23.17 -21.60
C LYS B 406 -11.79 22.19 -21.20
N ASN B 407 -11.58 20.90 -21.48
CA ASN B 407 -12.58 19.90 -21.14
C ASN B 407 -12.88 19.90 -19.65
N VAL B 408 -11.85 20.02 -18.81
CA VAL B 408 -12.03 19.90 -17.38
C VAL B 408 -12.82 21.08 -16.83
N ARG B 409 -12.37 22.31 -17.14
CA ARG B 409 -13.02 23.48 -16.55
C ARG B 409 -14.46 23.66 -17.04
N ASN B 410 -14.74 23.25 -18.28
CA ASN B 410 -16.12 23.33 -18.78
C ASN B 410 -17.02 22.25 -18.17
N ALA B 411 -16.44 21.16 -17.66
CA ALA B 411 -17.22 20.13 -17.00
C ALA B 411 -17.46 20.44 -15.53
N ILE B 412 -16.47 21.03 -14.85
CA ILE B 412 -16.62 21.35 -13.44
C ILE B 412 -17.45 22.62 -13.27
N ARG B 413 -17.15 23.65 -14.06
CA ARG B 413 -17.91 24.89 -14.05
C ARG B 413 -17.92 25.54 -12.67
N GLY B 414 -16.79 25.46 -11.97
CA GLY B 414 -16.64 26.11 -10.69
C GLY B 414 -17.48 25.53 -9.57
N ARG B 415 -17.97 24.30 -9.72
CA ARG B 415 -18.85 23.72 -8.72
C ARG B 415 -18.09 23.16 -7.52
N PHE B 416 -16.85 22.73 -7.71
CA PHE B 416 -16.09 22.12 -6.64
C PHE B 416 -14.61 22.25 -6.95
N PRO B 417 -13.74 22.17 -5.95
CA PRO B 417 -12.31 22.26 -6.21
C PRO B 417 -11.73 20.95 -6.71
N LEU B 418 -10.65 21.07 -7.48
CA LEU B 418 -9.92 19.93 -8.01
C LEU B 418 -8.50 19.97 -7.47
N TYR B 419 -8.08 18.90 -6.78
CA TYR B 419 -6.76 18.82 -6.19
C TYR B 419 -5.97 17.75 -6.92
N ASN B 420 -4.95 18.16 -7.67
CA ASN B 420 -4.12 17.26 -8.45
C ASN B 420 -2.86 16.93 -7.67
N LEU B 421 -2.55 15.64 -7.57
CA LEU B 421 -1.40 15.16 -6.83
C LEU B 421 -0.41 14.56 -7.83
N GLY B 422 0.75 15.20 -7.97
CA GLY B 422 1.79 14.69 -8.85
C GLY B 422 2.72 13.76 -8.11
N PHE B 423 2.70 12.47 -8.47
CA PHE B 423 3.48 11.44 -7.79
C PHE B 423 4.79 11.27 -8.52
N GLY B 424 5.88 11.73 -7.91
CA GLY B 424 7.19 11.62 -8.51
C GLY B 424 7.52 12.80 -9.39
N HIS B 425 8.67 12.69 -10.05
CA HIS B 425 9.19 13.78 -10.88
C HIS B 425 9.26 13.42 -12.36
N ASN B 426 8.45 12.46 -12.80
CA ASN B 426 8.32 12.13 -14.21
CA ASN B 426 8.32 12.13 -14.22
C ASN B 426 6.96 12.57 -14.75
N VAL B 427 6.48 13.73 -14.28
CA VAL B 427 5.18 14.25 -14.65
C VAL B 427 5.29 15.75 -14.89
N ASP B 428 4.42 16.27 -15.74
CA ASP B 428 4.36 17.70 -16.03
C ASP B 428 3.56 18.38 -14.93
N PHE B 429 4.27 18.81 -13.88
CA PHE B 429 3.59 19.35 -12.71
C PHE B 429 2.96 20.71 -13.02
N ASN B 430 3.62 21.52 -13.85
CA ASN B 430 3.02 22.80 -14.25
C ASN B 430 1.65 22.59 -14.87
N PHE B 431 1.51 21.55 -15.69
CA PHE B 431 0.21 21.22 -16.26
C PHE B 431 -0.81 20.91 -15.16
N LEU B 432 -0.38 20.22 -14.11
CA LEU B 432 -1.28 19.90 -13.02
C LEU B 432 -1.61 21.14 -12.19
N GLU B 433 -0.64 22.04 -12.02
CA GLU B 433 -0.89 23.26 -11.25
C GLU B 433 -1.89 24.16 -11.97
N VAL B 434 -1.73 24.33 -13.28
CA VAL B 434 -2.65 25.18 -14.03
C VAL B 434 -4.06 24.64 -13.95
N MET B 435 -4.21 23.32 -14.13
CA MET B 435 -5.54 22.72 -14.10
C MET B 435 -6.22 22.96 -12.75
N SER B 436 -5.49 22.73 -11.66
CA SER B 436 -6.05 22.98 -10.33
C SER B 436 -6.37 24.45 -10.13
N MET B 437 -5.48 25.34 -10.58
CA MET B 437 -5.72 26.76 -10.44
C MET B 437 -6.98 27.19 -11.19
N GLU B 438 -7.22 26.59 -12.35
CA GLU B 438 -8.40 26.89 -13.14
C GLU B 438 -9.68 26.29 -12.56
N ASN B 439 -9.58 25.52 -11.47
CA ASN B 439 -10.74 24.82 -10.93
C ASN B 439 -10.73 24.89 -9.40
N ASN B 440 -10.51 26.10 -8.88
CA ASN B 440 -10.70 26.41 -7.46
C ASN B 440 -9.89 25.51 -6.54
N GLY B 441 -8.82 24.90 -7.04
CA GLY B 441 -8.02 24.02 -6.22
C GLY B 441 -6.53 24.32 -6.28
N ARG B 442 -5.73 23.38 -5.81
CA ARG B 442 -4.28 23.49 -5.87
C ARG B 442 -3.69 22.12 -6.15
N ALA B 443 -2.45 22.11 -6.62
CA ALA B 443 -1.71 20.88 -6.88
C ALA B 443 -0.67 20.67 -5.80
N GLN B 444 -0.38 19.41 -5.51
CA GLN B 444 0.58 19.02 -4.49
C GLN B 444 1.51 17.95 -5.04
N ARG B 445 2.79 18.08 -4.72
CA ARG B 445 3.80 17.11 -5.14
C ARG B 445 3.90 16.01 -4.10
N ILE B 446 3.88 14.76 -4.57
CA ILE B 446 4.14 13.60 -3.72
C ILE B 446 5.52 13.08 -4.11
N TYR B 447 6.44 13.10 -3.15
CA TYR B 447 7.82 12.70 -3.41
C TYR B 447 7.97 11.19 -3.27
N GLU B 448 8.54 10.56 -4.29
CA GLU B 448 8.79 9.12 -4.26
C GLU B 448 9.80 8.82 -3.17
N ASP B 449 9.31 8.34 -2.03
CA ASP B 449 10.14 8.08 -0.87
C ASP B 449 9.42 7.06 0.01
N HIS B 450 10.08 6.65 1.08
CA HIS B 450 9.53 5.64 1.98
C HIS B 450 8.26 6.10 2.67
N ASP B 451 7.95 7.41 2.65
CA ASP B 451 6.82 7.95 3.39
C ASP B 451 5.73 8.49 2.47
N ALA B 452 5.68 8.04 1.21
CA ALA B 452 4.68 8.55 0.28
C ALA B 452 3.27 8.30 0.78
N THR B 453 3.04 7.17 1.46
CA THR B 453 1.73 6.91 2.03
C THR B 453 1.36 7.99 3.03
N GLN B 454 2.30 8.37 3.90
CA GLN B 454 2.04 9.42 4.87
C GLN B 454 1.84 10.78 4.20
N GLN B 455 2.57 11.03 3.11
CA GLN B 455 2.37 12.28 2.37
C GLN B 455 0.93 12.38 1.85
N LEU B 456 0.40 11.28 1.31
CA LEU B 456 -0.96 11.29 0.78
C LEU B 456 -1.97 11.52 1.89
N GLN B 457 -1.84 10.80 3.01
CA GLN B 457 -2.69 11.07 4.15
C GLN B 457 -2.53 12.51 4.63
N GLY B 458 -1.29 12.99 4.68
CA GLY B 458 -1.06 14.35 5.12
C GLY B 458 -1.85 15.37 4.30
N PHE B 459 -1.82 15.24 2.98
CA PHE B 459 -2.55 16.18 2.14
C PHE B 459 -4.05 16.05 2.35
N TYR B 460 -4.58 14.82 2.31
CA TYR B 460 -6.02 14.64 2.42
C TYR B 460 -6.57 15.28 3.68
N SER B 461 -5.82 15.20 4.79
CA SER B 461 -6.28 15.80 6.03
C SER B 461 -6.44 17.31 5.92
N GLN B 462 -5.77 17.95 4.96
CA GLN B 462 -5.92 19.39 4.79
C GLN B 462 -7.27 19.75 4.20
N VAL B 463 -7.89 18.85 3.44
CA VAL B 463 -9.16 19.10 2.78
C VAL B 463 -10.26 18.18 3.29
N ALA B 464 -9.99 17.41 4.35
CA ALA B 464 -10.94 16.39 4.79
C ALA B 464 -12.17 16.98 5.48
N LYS B 465 -12.08 18.18 6.04
CA LYS B 465 -13.13 18.73 6.89
C LYS B 465 -13.54 20.11 6.38
N PRO B 466 -14.30 20.17 5.29
CA PRO B 466 -14.84 21.46 4.84
C PRO B 466 -15.90 21.97 5.82
N LEU B 467 -15.81 23.27 6.13
CA LEU B 467 -16.73 23.91 7.07
C LEU B 467 -17.64 24.93 6.41
N LEU B 468 -17.16 25.64 5.39
CA LEU B 468 -17.96 26.59 4.65
C LEU B 468 -17.59 26.48 3.17
N VAL B 469 -18.53 26.87 2.31
CA VAL B 469 -18.29 26.88 0.87
C VAL B 469 -18.67 28.25 0.33
N ASP B 470 -18.05 28.63 -0.77
CA ASP B 470 -18.30 29.89 -1.46
C ASP B 470 -18.16 31.07 -0.49
N VAL B 471 -16.97 31.16 0.11
CA VAL B 471 -16.66 32.27 1.02
C VAL B 471 -16.35 33.50 0.18
N ASP B 472 -17.09 34.58 0.40
CA ASP B 472 -16.94 35.82 -0.35
C ASP B 472 -16.66 36.94 0.64
N LEU B 473 -15.42 37.41 0.67
CA LEU B 473 -15.03 38.55 1.50
C LEU B 473 -15.14 39.82 0.65
N GLN B 474 -16.09 40.68 1.00
CA GLN B 474 -16.33 41.89 0.23
CA GLN B 474 -16.38 41.89 0.26
C GLN B 474 -15.88 43.12 1.01
N TYR B 475 -15.45 44.13 0.27
CA TYR B 475 -14.95 45.38 0.81
C TYR B 475 -15.47 46.52 -0.04
N PRO B 476 -15.65 47.71 0.55
CA PRO B 476 -16.24 48.82 -0.22
C PRO B 476 -15.36 49.19 -1.40
N GLN B 477 -15.93 49.10 -2.60
CA GLN B 477 -15.16 49.31 -3.83
C GLN B 477 -14.50 50.69 -3.85
N ASP B 478 -15.14 51.69 -3.23
CA ASP B 478 -14.57 53.04 -3.22
C ASP B 478 -13.34 53.15 -2.34
N ALA B 479 -12.98 52.12 -1.58
CA ALA B 479 -11.87 52.19 -0.65
C ALA B 479 -10.70 51.30 -1.01
N VAL B 480 -10.88 50.31 -1.87
CA VAL B 480 -9.86 49.31 -2.14
C VAL B 480 -9.20 49.62 -3.48
N LEU B 481 -7.89 49.89 -3.44
CA LEU B 481 -7.10 50.07 -4.65
C LEU B 481 -6.56 48.76 -5.20
N ALA B 482 -6.23 47.82 -4.32
CA ALA B 482 -5.74 46.51 -4.72
C ALA B 482 -5.94 45.55 -3.57
N LEU B 483 -6.24 44.30 -3.91
CA LEU B 483 -6.42 43.28 -2.88
C LEU B 483 -6.19 41.91 -3.49
N THR B 484 -5.87 40.96 -2.63
CA THR B 484 -5.60 39.59 -3.04
C THR B 484 -6.90 38.80 -3.17
N GLN B 485 -6.80 37.52 -3.49
CA GLN B 485 -7.96 36.68 -3.73
C GLN B 485 -8.96 36.79 -2.59
N ASN B 486 -10.20 37.17 -2.92
CA ASN B 486 -11.24 37.35 -1.92
C ASN B 486 -12.42 36.41 -2.11
N HIS B 487 -12.37 35.52 -3.10
CA HIS B 487 -13.37 34.47 -3.27
C HIS B 487 -12.68 33.13 -3.08
N HIS B 488 -13.16 32.35 -2.12
CA HIS B 488 -12.58 31.06 -1.79
C HIS B 488 -13.66 29.99 -1.80
N LYS B 489 -13.41 28.92 -2.55
CA LYS B 489 -14.45 27.92 -2.80
C LYS B 489 -14.81 27.16 -1.53
N GLN B 490 -13.82 26.81 -0.71
CA GLN B 490 -14.08 26.04 0.50
C GLN B 490 -13.10 26.45 1.59
N TYR B 491 -13.59 26.43 2.83
CA TYR B 491 -12.78 26.69 4.01
C TYR B 491 -12.78 25.44 4.87
N TYR B 492 -11.60 24.98 5.25
CA TYR B 492 -11.42 23.70 5.91
C TYR B 492 -11.00 23.89 7.37
N GLU B 493 -11.47 22.98 8.22
CA GLU B 493 -11.05 22.99 9.62
C GLU B 493 -9.53 22.87 9.70
N GLY B 494 -8.94 23.67 10.59
CA GLY B 494 -7.50 23.70 10.75
C GLY B 494 -6.79 24.68 9.86
N SER B 495 -7.43 25.16 8.80
CA SER B 495 -6.83 26.07 7.85
C SER B 495 -7.28 27.51 8.14
N GLU B 496 -7.12 28.40 7.18
CA GLU B 496 -7.41 29.81 7.38
C GLU B 496 -7.45 30.50 6.02
N ILE B 497 -8.30 31.51 5.91
CA ILE B 497 -8.38 32.37 4.73
C ILE B 497 -7.81 33.73 5.11
N VAL B 498 -6.92 34.24 4.26
CA VAL B 498 -6.23 35.50 4.50
C VAL B 498 -6.39 36.38 3.28
N VAL B 499 -6.80 37.63 3.49
CA VAL B 499 -6.93 38.62 2.43
C VAL B 499 -6.15 39.86 2.85
N ALA B 500 -5.40 40.43 1.92
CA ALA B 500 -4.66 41.66 2.15
C ALA B 500 -4.94 42.64 1.02
N GLY B 501 -4.74 43.92 1.29
CA GLY B 501 -5.03 44.92 0.27
C GLY B 501 -4.46 46.27 0.64
N ARG B 502 -4.61 47.20 -0.30
CA ARG B 502 -4.17 48.58 -0.13
C ARG B 502 -5.39 49.48 -0.20
N ILE B 503 -5.49 50.42 0.73
CA ILE B 503 -6.67 51.25 0.89
C ILE B 503 -6.39 52.62 0.29
N ALA B 504 -7.43 53.23 -0.29
CA ALA B 504 -7.31 54.58 -0.81
C ALA B 504 -7.13 55.59 0.32
N ASP B 505 -6.55 56.73 -0.02
CA ASP B 505 -6.22 57.73 0.98
C ASP B 505 -7.49 58.25 1.67
N ASN B 506 -7.40 58.39 3.00
CA ASN B 506 -8.44 58.98 3.83
C ASN B 506 -9.71 58.14 3.91
N LYS B 507 -9.62 56.84 3.63
CA LYS B 507 -10.76 55.93 3.77
C LYS B 507 -10.50 54.82 4.79
N GLN B 508 -9.40 54.91 5.55
CA GLN B 508 -9.10 53.87 6.52
C GLN B 508 -10.07 53.90 7.70
N SER B 509 -10.53 55.09 8.09
CA SER B 509 -11.36 55.22 9.29
C SER B 509 -12.66 54.43 9.15
N SER B 510 -13.26 54.45 7.96
CA SER B 510 -14.55 53.81 7.74
C SER B 510 -14.42 52.46 7.07
N PHE B 511 -13.21 51.95 6.88
CA PHE B 511 -13.02 50.69 6.19
C PHE B 511 -13.77 49.58 6.91
N LYS B 512 -14.26 48.61 6.13
CA LYS B 512 -15.01 47.50 6.68
C LYS B 512 -14.91 46.29 5.77
N ALA B 513 -15.46 45.17 6.24
CA ALA B 513 -15.49 43.94 5.46
C ALA B 513 -16.78 43.20 5.74
N ASP B 514 -17.37 42.62 4.71
CA ASP B 514 -18.52 41.75 4.82
C ASP B 514 -18.13 40.38 4.28
N VAL B 515 -18.37 39.34 5.06
CA VAL B 515 -18.02 37.96 4.69
C VAL B 515 -19.30 37.16 4.58
N GLN B 516 -19.56 36.63 3.39
CA GLN B 516 -20.68 35.74 3.15
C GLN B 516 -20.16 34.36 2.80
N ALA B 517 -20.92 33.33 3.14
CA ALA B 517 -20.54 31.96 2.85
C ALA B 517 -21.76 31.06 3.09
N HIS B 518 -21.61 29.80 2.71
CA HIS B 518 -22.66 28.81 2.89
C HIS B 518 -22.13 27.65 3.74
N GLY B 519 -22.96 27.20 4.68
CA GLY B 519 -22.78 25.91 5.30
C GLY B 519 -23.63 24.86 4.62
N GLU B 520 -23.78 23.72 5.29
CA GLU B 520 -24.65 22.66 4.78
C GLU B 520 -26.09 23.05 5.10
N GLY B 521 -26.78 23.63 4.12
CA GLY B 521 -28.14 24.08 4.35
C GLY B 521 -28.25 25.26 5.28
N GLN B 522 -27.20 26.08 5.38
CA GLN B 522 -27.20 27.24 6.25
C GLN B 522 -26.55 28.41 5.54
N GLU B 523 -26.82 29.61 6.04
CA GLU B 523 -26.26 30.84 5.50
C GLU B 523 -25.35 31.47 6.55
N PHE B 524 -24.13 31.81 6.15
CA PHE B 524 -23.16 32.44 7.03
C PHE B 524 -22.98 33.90 6.61
N SER B 525 -22.88 34.78 7.60
CA SER B 525 -22.73 36.20 7.32
C SER B 525 -22.24 36.92 8.57
N ILE B 526 -21.17 37.72 8.40
CA ILE B 526 -20.66 38.57 9.47
C ILE B 526 -20.23 39.90 8.85
N THR B 527 -20.04 40.89 9.71
CA THR B 527 -19.52 42.19 9.32
C THR B 527 -18.41 42.55 10.28
N CYS B 528 -17.27 42.99 9.73
CA CYS B 528 -16.12 43.39 10.53
C CYS B 528 -15.84 44.87 10.27
N LEU B 529 -15.84 45.68 11.32
CA LEU B 529 -15.53 47.09 11.24
C LEU B 529 -14.16 47.34 11.87
N VAL B 530 -13.38 48.21 11.25
CA VAL B 530 -12.08 48.56 11.82
C VAL B 530 -12.28 49.21 13.18
N ASP B 531 -11.51 48.77 14.15
CA ASP B 531 -11.51 49.35 15.50
C ASP B 531 -10.37 50.35 15.55
N GLU B 532 -10.70 51.62 15.26
CA GLU B 532 -9.67 52.65 15.18
C GLU B 532 -8.89 52.77 16.49
N GLU B 533 -9.59 52.77 17.62
CA GLU B 533 -8.91 52.88 18.90
C GLU B 533 -7.94 51.72 19.10
N GLU B 534 -8.35 50.50 18.73
CA GLU B 534 -7.47 49.36 18.89
C GLU B 534 -6.26 49.46 17.97
N MET B 535 -6.45 49.92 16.73
CA MET B 535 -5.33 50.07 15.82
C MET B 535 -4.28 51.02 16.38
N LYS B 536 -4.73 52.16 16.91
CA LYS B 536 -3.80 53.10 17.53
C LYS B 536 -3.09 52.44 18.71
N LYS B 537 -3.82 51.64 19.49
CA LYS B 537 -3.21 50.92 20.60
C LYS B 537 -2.15 49.94 20.09
N LEU B 538 -2.47 49.18 19.04
CA LEU B 538 -1.50 48.25 18.48
C LEU B 538 -0.27 48.97 17.98
N LEU B 539 -0.44 50.12 17.33
CA LEU B 539 0.71 50.87 16.85
C LEU B 539 1.63 51.29 17.99
N ARG B 540 1.07 51.60 19.16
CA ARG B 540 1.89 51.92 20.33
C ARG B 540 2.60 50.69 20.85
N GLU B 541 1.92 49.55 20.88
CA GLU B 541 2.49 48.35 21.48
C GLU B 541 3.59 47.75 20.61
N ARG B 542 3.38 47.70 19.28
CA ARG B 542 4.32 47.09 18.37
C ARG B 542 5.18 48.10 17.63
N GLY B 543 4.79 49.38 17.61
CA GLY B 543 5.58 50.39 16.95
C GLY B 543 5.32 50.44 15.46
N HIS B 544 6.07 51.31 14.79
CA HIS B 544 5.92 51.47 13.35
C HIS B 544 6.23 50.19 12.59
N MET B 545 6.93 49.24 13.22
CA MET B 545 7.14 47.94 12.59
C MET B 545 5.81 47.30 12.20
N LEU B 546 4.75 47.55 12.97
CA LEU B 546 3.44 47.05 12.61
C LEU B 546 3.01 47.57 11.24
N GLU B 547 3.21 48.86 11.01
CA GLU B 547 2.87 49.44 9.71
C GLU B 547 3.68 48.79 8.60
N ASN B 548 4.99 48.66 8.82
CA ASN B 548 5.86 48.11 7.79
C ASN B 548 5.49 46.66 7.46
N HIS B 549 5.26 45.85 8.49
CA HIS B 549 5.03 44.42 8.27
C HIS B 549 3.67 44.14 7.62
N VAL B 550 2.66 44.97 7.91
CA VAL B 550 1.37 44.80 7.25
C VAL B 550 1.51 45.08 5.75
N GLU B 551 2.23 46.14 5.40
CA GLU B 551 2.46 46.45 3.98
C GLU B 551 3.26 45.34 3.31
N ARG B 552 4.35 44.91 3.95
CA ARG B 552 5.16 43.85 3.36
C ARG B 552 4.43 42.51 3.35
N LEU B 553 3.51 42.31 4.30
CA LEU B 553 2.62 41.16 4.23
C LEU B 553 1.77 41.21 2.97
N TRP B 554 1.23 42.39 2.65
CA TRP B 554 0.45 42.54 1.42
C TRP B 554 1.32 42.32 0.19
N ALA B 555 2.54 42.89 0.19
CA ALA B 555 3.41 42.74 -0.97
C ALA B 555 3.77 41.27 -1.21
N TYR B 556 4.10 40.55 -0.13
CA TYR B 556 4.44 39.14 -0.26
C TYR B 556 3.28 38.36 -0.88
N LEU B 557 2.08 38.52 -0.33
CA LEU B 557 0.92 37.78 -0.84
C LEU B 557 0.58 38.21 -2.26
N THR B 558 0.72 39.51 -2.57
CA THR B 558 0.45 39.98 -3.92
C THR B 558 1.45 39.38 -4.91
N ILE B 559 2.73 39.32 -4.55
CA ILE B 559 3.73 38.77 -5.44
C ILE B 559 3.46 37.29 -5.70
N GLN B 560 3.19 36.52 -4.63
CA GLN B 560 2.90 35.11 -4.79
C GLN B 560 1.71 34.89 -5.72
N GLU B 561 0.66 35.70 -5.58
CA GLU B 561 -0.50 35.55 -6.45
C GLU B 561 -0.14 35.85 -7.89
N LEU B 562 0.69 36.87 -8.12
CA LEU B 562 1.12 37.19 -9.48
C LEU B 562 1.92 36.05 -10.09
N LEU B 563 2.78 35.41 -9.30
CA LEU B 563 3.56 34.29 -9.80
C LEU B 563 2.69 33.08 -10.13
N ALA B 564 1.62 32.86 -9.35
CA ALA B 564 0.70 31.76 -9.63
C ALA B 564 -0.13 32.05 -10.87
N LYS B 565 -0.67 33.27 -10.96
CA LYS B 565 -1.46 33.66 -12.13
C LYS B 565 -0.63 33.54 -13.40
N ARG B 566 0.68 33.76 -13.28
CA ARG B 566 1.56 33.86 -14.43
C ARG B 566 1.59 32.56 -15.23
N MET B 567 1.31 31.43 -14.59
CA MET B 567 1.46 30.13 -15.23
C MET B 567 0.26 29.72 -16.09
N LYS B 568 -0.85 30.47 -16.05
CA LYS B 568 -2.09 30.01 -16.66
C LYS B 568 -2.69 31.00 -17.66
N VAL B 569 -1.89 31.91 -18.22
CA VAL B 569 -2.40 32.91 -19.15
C VAL B 569 -1.55 32.92 -20.41
N ASP B 570 -2.07 33.61 -21.43
CA ASP B 570 -1.40 33.72 -22.72
C ASP B 570 -0.12 34.55 -22.58
N ARG B 571 0.71 34.52 -23.63
CA ARG B 571 2.02 35.15 -23.58
C ARG B 571 1.92 36.66 -23.38
N GLU B 572 0.88 37.29 -23.96
CA GLU B 572 0.71 38.73 -23.76
C GLU B 572 0.36 39.04 -22.32
N GLU B 573 -0.70 38.42 -21.80
CA GLU B 573 -1.08 38.63 -20.40
C GLU B 573 -0.01 38.10 -19.45
N ARG B 574 0.72 37.05 -19.85
CA ARG B 574 1.77 36.52 -18.99
C ARG B 574 2.88 37.54 -18.79
N ALA B 575 3.31 38.18 -19.88
CA ALA B 575 4.35 39.21 -19.78
C ALA B 575 3.90 40.36 -18.91
N ASN B 576 2.63 40.76 -19.02
CA ASN B 576 2.13 41.86 -18.19
C ASN B 576 2.16 41.50 -16.71
N LEU B 577 1.68 40.30 -16.35
CA LEU B 577 1.76 39.88 -14.96
C LEU B 577 3.20 39.77 -14.51
N SER B 578 4.09 39.34 -15.40
CA SER B 578 5.51 39.22 -15.06
C SER B 578 6.10 40.58 -14.70
N SER B 579 5.79 41.61 -15.49
CA SER B 579 6.34 42.94 -15.22
C SER B 579 5.81 43.51 -13.92
N GLN B 580 4.54 43.25 -13.61
CA GLN B 580 4.00 43.65 -12.31
C GLN B 580 4.75 42.97 -11.18
N ALA B 581 4.94 41.65 -11.28
CA ALA B 581 5.66 40.92 -10.25
C ALA B 581 7.10 41.38 -10.16
N LEU B 582 7.73 41.66 -11.30
CA LEU B 582 9.10 42.16 -11.31
C LEU B 582 9.18 43.51 -10.59
N GLN B 583 8.27 44.42 -10.90
CA GLN B 583 8.34 45.75 -10.31
C GLN B 583 8.14 45.70 -8.80
N MET B 584 7.19 44.88 -8.34
CA MET B 584 6.96 44.76 -6.90
C MET B 584 8.15 44.13 -6.21
N SER B 585 8.76 43.12 -6.82
CA SER B 585 9.93 42.49 -6.24
C SER B 585 11.06 43.51 -6.06
N LEU B 586 11.24 44.41 -7.03
CA LEU B 586 12.28 45.41 -6.92
C LEU B 586 11.91 46.48 -5.89
N ASP B 587 10.65 46.91 -5.89
CA ASP B 587 10.21 47.96 -4.96
C ASP B 587 10.44 47.53 -3.51
N TYR B 588 10.08 46.30 -3.18
CA TYR B 588 10.20 45.80 -1.81
C TYR B 588 11.48 45.01 -1.60
N GLY B 589 12.32 44.87 -2.62
CA GLY B 589 13.60 44.21 -2.49
C GLY B 589 13.50 42.75 -2.11
N PHE B 590 12.72 41.98 -2.87
CA PHE B 590 12.57 40.56 -2.66
C PHE B 590 13.29 39.78 -3.74
N VAL B 591 13.97 38.71 -3.34
CA VAL B 591 14.54 37.75 -4.29
C VAL B 591 13.43 36.77 -4.65
N THR B 592 12.86 36.93 -5.84
CA THR B 592 11.78 36.09 -6.34
C THR B 592 12.23 35.44 -7.65
N PRO B 593 11.41 34.60 -8.29
CA PRO B 593 11.81 34.01 -9.56
C PRO B 593 12.13 35.03 -10.65
N LEU B 594 11.77 36.30 -10.48
CA LEU B 594 12.05 37.30 -11.50
C LEU B 594 13.23 38.20 -11.15
N THR B 595 13.78 38.08 -9.94
CA THR B 595 14.86 38.94 -9.49
C THR B 595 16.00 38.11 -8.95
N SER B 596 17.19 38.70 -8.96
CA SER B 596 18.37 38.12 -8.33
C SER B 596 19.05 39.19 -7.49
N MET B 597 19.87 38.74 -6.56
CA MET B 597 20.65 39.63 -5.70
C MET B 597 22.12 39.30 -5.91
N SER B 598 22.86 40.27 -6.43
CA SER B 598 24.28 40.13 -6.70
C SER B 598 25.08 41.01 -5.74
N ILE B 599 26.30 40.58 -5.45
CA ILE B 599 27.18 41.27 -4.51
C ILE B 599 28.37 41.82 -5.29
N ARG B 600 28.39 43.14 -5.48
CA ARG B 600 29.60 43.76 -6.03
C ARG B 600 30.69 43.80 -4.96
N GLY B 601 31.92 43.58 -5.40
CA GLY B 601 33.06 43.57 -4.51
C GLY B 601 33.63 42.20 -4.23
N MET B 602 32.99 41.14 -4.73
CA MET B 602 33.48 39.78 -4.55
C MET B 602 33.55 39.09 -5.90
N ALA B 603 34.48 38.14 -6.02
CA ALA B 603 34.69 37.41 -7.26
C ALA B 603 35.10 35.99 -6.92
N ASP B 604 34.60 35.04 -7.71
CA ASP B 604 34.94 33.64 -7.50
C ASP B 604 36.16 33.27 -8.36
N GLN B 605 36.46 31.97 -8.43
CA GLN B 605 37.60 31.52 -9.21
C GLN B 605 37.52 32.00 -10.66
N ASP B 606 36.32 32.17 -11.20
CA ASP B 606 36.13 32.59 -12.57
C ASP B 606 35.85 34.09 -12.71
N GLY B 607 36.03 34.85 -11.63
CA GLY B 607 35.78 36.28 -11.69
C GLY B 607 34.32 36.68 -11.71
N LEU B 608 33.43 35.80 -11.27
CA LEU B 608 32.00 36.06 -11.28
C LEU B 608 31.54 36.55 -9.91
N LYS B 609 30.58 37.47 -9.91
CA LYS B 609 30.03 37.99 -8.68
C LYS B 609 29.16 36.95 -7.99
N PRO B 610 29.09 36.97 -6.65
CA PRO B 610 28.08 36.17 -5.97
C PRO B 610 26.68 36.55 -6.43
N THR B 611 25.83 35.53 -6.60
CA THR B 611 24.46 35.74 -7.06
C THR B 611 23.51 34.92 -6.20
N ILE B 612 22.39 35.51 -5.83
CA ILE B 612 21.39 34.90 -4.96
C ILE B 612 20.08 34.86 -5.73
N ASP B 613 19.47 33.67 -5.81
CA ASP B 613 18.27 33.50 -6.61
C ASP B 613 17.27 32.63 -5.85
N LYS B 614 16.05 32.60 -6.36
CA LYS B 614 15.01 31.71 -5.87
C LYS B 614 15.01 30.44 -6.71
N PRO B 615 15.45 29.30 -6.18
CA PRO B 615 15.49 28.09 -7.00
C PRO B 615 14.09 27.68 -7.44
N SER B 616 14.04 26.89 -8.51
CA SER B 616 12.78 26.44 -9.09
C SER B 616 12.43 25.06 -8.54
N GLU B 617 11.19 24.65 -8.79
CA GLU B 617 10.70 23.35 -8.35
C GLU B 617 10.68 22.36 -9.53
N ARG B 628 33.85 23.52 -4.06
CA ARG B 628 32.84 24.32 -4.75
C ARG B 628 33.32 25.76 -4.91
N ARG B 629 32.38 26.65 -5.23
CA ARG B 629 32.73 28.04 -5.49
C ARG B 629 33.30 28.71 -4.24
N THR B 630 34.40 29.44 -4.41
CA THR B 630 35.02 30.20 -3.33
C THR B 630 35.22 31.64 -3.80
N PHE B 631 35.02 32.59 -2.90
CA PHE B 631 35.06 34.00 -3.25
C PHE B 631 36.22 34.70 -2.55
N VAL B 632 36.65 35.81 -3.16
CA VAL B 632 37.64 36.70 -2.58
C VAL B 632 37.16 38.14 -2.78
N LEU B 633 37.70 39.04 -1.97
CA LEU B 633 37.40 40.45 -2.13
C LEU B 633 38.10 41.01 -3.36
N SER B 634 37.34 41.74 -4.18
CA SER B 634 37.85 42.34 -5.41
C SER B 634 37.15 43.68 -5.59
N ALA B 635 37.90 44.77 -5.42
CA ALA B 635 37.35 46.12 -5.47
C ALA B 635 37.36 46.71 -6.86
N LEU B 636 37.80 45.96 -7.87
CA LEU B 636 37.92 46.46 -9.23
C LEU B 636 37.01 45.67 -10.15
N GLN B 637 36.51 46.35 -11.17
CA GLN B 637 35.71 45.74 -12.23
C GLN B 637 36.10 46.37 -13.55
N PRO B 638 36.07 45.60 -14.64
CA PRO B 638 36.37 46.19 -15.95
C PRO B 638 35.48 47.39 -16.22
N SER B 639 36.09 48.48 -16.67
CA SER B 639 35.32 49.68 -16.98
C SER B 639 34.64 49.51 -18.33
N PRO B 640 33.31 49.61 -18.41
CA PRO B 640 32.63 49.44 -19.70
C PRO B 640 32.64 50.71 -20.54
#